data_5QJF
#
_entry.id   5QJF
#
_cell.length_a   48.388
_cell.length_b   59.416
_cell.length_c   79.923
_cell.angle_alpha   79.850
_cell.angle_beta   82.340
_cell.angle_gamma   76.550
#
_symmetry.space_group_name_H-M   'P 1'
#
loop_
_entity.id
_entity.type
_entity.pdbx_description
1 polymer 'ADP-sugar pyrophosphatase'
2 non-polymer 'MAGNESIUM ION'
3 non-polymer 'CHLORIDE ION'
4 non-polymer 1,2-ETHANEDIOL
5 non-polymer N-(5-propyl-1,3,4-thiadiazol-2-yl)pyridine-2-carboxamide
6 water water
#
_entity_poly.entity_id   1
_entity_poly.type   'polypeptide(L)'
_entity_poly.pdbx_seq_one_letter_code
;SMESQEPTESSQNGKQYIISEELISEGKWVKLEKTTYMDPTGKTRTWESVKRTTRKEQTADGVAVIPVLQRTLHYECIVL
VKQFRPPMGGYCIEFPAGLIDDGETPEAAALRELEEETGYKGDIAECSPAVCMDPGLSNCTIHIVTVTINGDDAENARPK
PKPGDGEFVEVISLPKNDLLQRLDALVAEEHLTVDARVYSYALALKHAN
;
_entity_poly.pdbx_strand_id   A,B,C,D
#
loop_
_chem_comp.id
_chem_comp.type
_chem_comp.name
_chem_comp.formula
CL non-polymer 'CHLORIDE ION' 'Cl -1'
EDO non-polymer 1,2-ETHANEDIOL 'C2 H6 O2'
K0S non-polymer N-(5-propyl-1,3,4-thiadiazol-2-yl)pyridine-2-carboxamide 'C11 H12 N4 O S'
MG non-polymer 'MAGNESIUM ION' 'Mg 2'
#
# COMPACT_ATOMS: atom_id res chain seq x y z
N LYS A 15 19.89 21.64 36.54
CA LYS A 15 20.56 22.96 36.38
C LYS A 15 19.57 24.09 36.03
N GLN A 16 18.86 23.96 34.91
CA GLN A 16 17.97 25.08 34.43
C GLN A 16 16.58 25.06 34.99
N TYR A 17 15.97 26.24 35.10
CA TYR A 17 14.64 26.35 35.71
C TYR A 17 14.03 27.68 35.42
N ILE A 18 12.73 27.75 35.62
CA ILE A 18 11.94 28.94 35.42
C ILE A 18 12.11 29.86 36.62
N ILE A 19 12.42 31.10 36.34
CA ILE A 19 12.39 32.21 37.32
C ILE A 19 11.02 32.88 37.38
N SER A 20 10.51 33.35 36.26
CA SER A 20 9.18 33.93 36.30
C SER A 20 8.46 33.82 34.97
N GLU A 21 7.15 34.00 35.01
CA GLU A 21 6.31 33.91 33.84
C GLU A 21 5.39 35.13 33.89
N GLU A 22 5.50 36.02 32.92
CA GLU A 22 4.83 37.32 32.95
C GLU A 22 3.86 37.29 31.78
N LEU A 23 2.58 37.52 32.06
CA LEU A 23 1.58 37.52 31.02
C LEU A 23 1.81 38.72 30.08
N ILE A 24 1.81 38.44 28.77
CA ILE A 24 1.85 39.46 27.72
C ILE A 24 0.46 39.74 27.09
N SER A 25 -0.27 38.70 26.73
CA SER A 25 -1.56 38.87 26.05
C SER A 25 -2.37 37.62 26.22
N GLU A 26 -3.57 37.78 26.74
CA GLU A 26 -4.47 36.68 27.03
C GLU A 26 -5.69 36.85 26.14
N GLY A 27 -5.94 35.86 25.28
CA GLY A 27 -7.23 35.70 24.62
C GLY A 27 -8.12 34.78 25.46
N LYS A 28 -9.25 34.37 24.91
CA LYS A 28 -10.14 33.44 25.62
C LYS A 28 -9.63 31.99 25.66
N TRP A 29 -8.73 31.64 24.72
CA TRP A 29 -8.21 30.28 24.54
C TRP A 29 -6.67 30.11 24.64
N VAL A 30 -5.92 31.16 24.26
CA VAL A 30 -4.47 31.13 24.10
C VAL A 30 -3.89 32.37 24.79
N LYS A 31 -2.76 32.20 25.46
CA LYS A 31 -2.01 33.33 25.97
C LYS A 31 -0.54 33.27 25.53
N LEU A 32 0.03 34.45 25.32
CA LEU A 32 1.46 34.63 25.20
C LEU A 32 2.06 35.12 26.54
N GLU A 33 3.16 34.50 26.94
CA GLU A 33 3.93 34.85 28.16
C GLU A 33 5.40 35.10 27.87
N LYS A 34 6.01 36.01 28.67
CA LYS A 34 7.42 36.28 28.62
C LYS A 34 7.95 35.42 29.69
N THR A 35 8.76 34.45 29.32
CA THR A 35 9.26 33.49 30.28
C THR A 35 10.64 33.90 30.66
N THR A 36 10.94 34.00 31.98
CA THR A 36 12.34 34.23 32.38
C THR A 36 12.90 32.98 33.05
N TYR A 37 14.07 32.56 32.64
CA TYR A 37 14.67 31.32 33.15
C TYR A 37 16.19 31.49 33.34
N MET A 38 16.77 30.55 34.11
CA MET A 38 18.20 30.47 34.39
C MET A 38 18.86 29.48 33.47
N ASP A 39 19.82 29.96 32.67
CA ASP A 39 20.56 29.06 31.77
C ASP A 39 21.63 28.32 32.59
N PRO A 40 22.30 27.32 32.00
CA PRO A 40 23.17 26.48 32.82
C PRO A 40 24.52 27.08 33.15
N THR A 41 24.87 28.20 32.51
CA THR A 41 26.03 29.04 32.91
C THR A 41 25.72 29.90 34.16
N GLY A 42 24.45 30.05 34.55
CA GLY A 42 24.04 30.93 35.66
C GLY A 42 23.45 32.29 35.24
N LYS A 43 23.39 32.54 33.93
CA LYS A 43 22.76 33.72 33.37
C LYS A 43 21.19 33.60 33.25
N THR A 44 20.54 34.72 33.54
CA THR A 44 19.13 34.97 33.37
C THR A 44 18.89 35.21 31.83
N ARG A 45 17.93 34.47 31.24
CA ARG A 45 17.44 34.72 29.89
C ARG A 45 15.90 34.68 29.76
N THR A 46 15.39 35.14 28.60
CA THR A 46 13.96 35.14 28.35
C THR A 46 13.54 34.35 27.09
N TRP A 47 12.27 33.97 27.09
CA TRP A 47 11.68 33.21 25.97
C TRP A 47 10.28 33.75 25.82
N GLU A 48 9.75 33.72 24.64
CA GLU A 48 8.33 33.92 24.49
C GLU A 48 7.60 32.59 24.37
N SER A 49 6.63 32.37 25.26
CA SER A 49 5.96 31.08 25.44
C SER A 49 4.48 31.17 25.25
N VAL A 50 3.92 30.18 24.58
CA VAL A 50 2.52 30.09 24.37
C VAL A 50 1.89 29.04 25.33
N LYS A 51 0.67 29.30 25.80
CA LYS A 51 -0.02 28.32 26.65
C LYS A 51 -1.47 28.39 26.35
N ARG A 52 -2.18 27.31 26.60
CA ARG A 52 -3.62 27.34 26.49
C ARG A 52 -4.15 27.87 27.82
N THR A 53 -5.34 28.45 27.80
CA THR A 53 -5.99 28.92 29.04
C THR A 53 -6.88 27.86 29.67
N THR A 54 -7.16 26.79 28.94
CA THR A 54 -8.09 25.73 29.26
C THR A 54 -7.48 24.61 30.12
N ARG A 55 -6.19 24.59 30.43
CA ARG A 55 -5.63 23.43 31.11
C ARG A 55 -5.92 23.45 32.60
N LYS A 56 -6.41 22.34 33.13
CA LYS A 56 -6.94 22.24 34.49
C LYS A 56 -5.93 21.61 35.42
N GLU A 57 -6.43 20.64 36.16
CA GLU A 57 -5.62 19.53 36.71
C GLU A 57 -5.38 18.38 35.68
N GLN A 58 -5.72 18.54 34.39
CA GLN A 58 -5.54 17.44 33.44
C GLN A 58 -4.06 17.21 33.38
N THR A 59 -3.71 15.97 33.12
CA THR A 59 -2.30 15.58 33.00
C THR A 59 -1.68 16.20 31.75
N ALA A 60 -2.51 16.89 30.97
CA ALA A 60 -2.19 17.24 29.59
C ALA A 60 -3.36 18.02 29.07
N ASP A 61 -3.10 18.79 28.03
CA ASP A 61 -4.17 19.52 27.36
C ASP A 61 -5.14 18.61 26.68
N GLY A 62 -4.61 17.61 26.00
CA GLY A 62 -5.41 16.90 25.10
C GLY A 62 -5.00 15.43 24.92
N VAL A 63 -5.73 14.81 24.03
CA VAL A 63 -5.34 13.48 23.51
C VAL A 63 -5.39 13.43 21.99
N ALA A 64 -4.59 12.54 21.47
CA ALA A 64 -4.65 12.13 20.06
C ALA A 64 -4.76 10.58 20.10
N VAL A 65 -5.56 10.06 19.21
CA VAL A 65 -5.91 8.66 19.17
C VAL A 65 -5.29 8.06 17.91
N ILE A 66 -4.55 6.98 18.11
CA ILE A 66 -4.07 6.12 17.02
C ILE A 66 -5.07 4.96 16.94
N PRO A 67 -6.01 5.01 15.98
CA PRO A 67 -7.09 4.10 15.96
C PRO A 67 -6.83 3.04 14.87
N VAL A 68 -6.56 1.84 15.32
CA VAL A 68 -6.22 0.71 14.41
C VAL A 68 -7.46 -0.09 14.12
N LEU A 69 -7.95 0.03 12.91
CA LEU A 69 -9.17 -0.58 12.53
C LEU A 69 -8.85 -1.97 12.10
N GLN A 70 -9.42 -2.95 12.79
CA GLN A 70 -9.08 -4.38 12.59
C GLN A 70 -10.28 -5.11 12.11
N ARG A 71 -10.14 -5.90 11.02
CA ARG A 71 -11.28 -6.55 10.45
C ARG A 71 -10.83 -7.84 9.77
N THR A 72 -11.68 -8.86 9.84
CA THR A 72 -11.26 -10.20 9.37
C THR A 72 -11.03 -10.09 7.85
N LEU A 73 -9.93 -10.64 7.39
CA LEU A 73 -9.61 -10.71 5.92
C LEU A 73 -9.40 -9.29 5.32
N HIS A 74 -9.03 -8.35 6.21
CA HIS A 74 -8.62 -6.97 5.81
C HIS A 74 -7.28 -6.64 6.42
N TYR A 75 -6.48 -5.88 5.69
CA TYR A 75 -5.31 -5.31 6.21
C TYR A 75 -5.76 -4.28 7.30
N GLU A 76 -5.00 -4.17 8.38
CA GLU A 76 -5.31 -3.12 9.43
C GLU A 76 -5.28 -1.78 8.78
N CYS A 77 -6.20 -0.89 9.17
CA CYS A 77 -6.12 0.50 8.74
C CYS A 77 -5.90 1.41 9.92
N ILE A 78 -5.26 2.56 9.65
CA ILE A 78 -5.17 3.69 10.58
C ILE A 78 -6.28 4.64 10.21
N VAL A 79 -7.13 4.99 11.19
CA VAL A 79 -8.28 5.85 10.88
C VAL A 79 -7.83 7.34 11.17
N LEU A 80 -7.95 8.21 10.18
CA LEU A 80 -7.51 9.60 10.28
C LEU A 80 -8.71 10.48 10.00
N VAL A 81 -8.57 11.73 10.38
CA VAL A 81 -9.61 12.72 10.13
C VAL A 81 -9.01 13.89 9.38
N LYS A 82 -9.85 14.50 8.57
CA LYS A 82 -9.53 15.68 7.78
C LYS A 82 -10.49 16.79 8.19
N GLN A 83 -9.94 17.95 8.52
CA GLN A 83 -10.73 19.08 9.00
C GLN A 83 -10.08 20.35 8.55
N PHE A 84 -10.88 21.41 8.50
CA PHE A 84 -10.31 22.74 8.32
C PHE A 84 -9.74 23.21 9.66
N ARG A 85 -8.56 23.72 9.57
CA ARG A 85 -7.82 24.27 10.69
C ARG A 85 -7.53 25.76 10.45
N PRO A 86 -8.33 26.63 11.11
CA PRO A 86 -8.12 28.07 10.99
C PRO A 86 -6.70 28.52 11.13
N PRO A 87 -5.93 28.04 12.15
CA PRO A 87 -4.55 28.55 12.21
C PRO A 87 -3.69 28.27 11.01
N MET A 88 -3.95 27.12 10.38
CA MET A 88 -3.32 26.76 9.11
C MET A 88 -3.90 27.36 7.82
N GLY A 89 -5.11 27.94 7.85
CA GLY A 89 -5.80 28.45 6.64
C GLY A 89 -6.14 27.33 5.65
N GLY A 90 -6.43 26.12 6.15
CA GLY A 90 -6.52 25.00 5.23
C GLY A 90 -6.83 23.70 5.94
N TYR A 91 -7.07 22.68 5.14
CA TYR A 91 -7.40 21.33 5.61
C TYR A 91 -6.17 20.52 5.99
N CYS A 92 -6.33 19.72 7.08
CA CYS A 92 -5.21 18.98 7.64
C CYS A 92 -5.69 17.58 7.88
N ILE A 93 -4.77 16.65 7.71
CA ILE A 93 -5.04 15.22 8.00
C ILE A 93 -4.34 14.87 9.27
N GLU A 94 -5.10 14.39 10.27
CA GLU A 94 -4.56 14.22 11.64
C GLU A 94 -5.16 12.93 12.27
N PHE A 95 -4.53 12.47 13.32
CA PHE A 95 -5.18 11.52 14.21
C PHE A 95 -6.37 12.21 14.85
N PRO A 96 -7.48 11.46 15.09
CA PRO A 96 -8.57 12.03 15.88
C PRO A 96 -8.01 12.53 17.20
N ALA A 97 -8.56 13.64 17.67
CA ALA A 97 -7.92 14.41 18.78
C ALA A 97 -8.90 15.42 19.36
N GLY A 98 -8.75 15.65 20.67
CA GLY A 98 -9.50 16.71 21.36
C GLY A 98 -8.90 17.03 22.70
N LEU A 99 -9.38 18.11 23.31
CA LEU A 99 -8.86 18.47 24.61
C LEU A 99 -9.53 17.56 25.67
N ILE A 100 -8.86 17.33 26.77
CA ILE A 100 -9.46 16.49 27.83
C ILE A 100 -10.40 17.33 28.68
N ASP A 101 -11.67 16.89 28.86
CA ASP A 101 -12.63 17.70 29.70
C ASP A 101 -12.17 17.64 31.14
N ASP A 102 -12.52 18.67 31.95
CA ASP A 102 -12.19 18.69 33.39
C ASP A 102 -12.71 17.39 34.08
N GLY A 103 -11.81 16.69 34.78
CA GLY A 103 -12.07 15.42 35.47
C GLY A 103 -12.12 14.18 34.61
N GLU A 104 -11.97 14.33 33.30
CA GLU A 104 -12.12 13.22 32.37
C GLU A 104 -10.75 12.53 32.36
N THR A 105 -10.74 11.21 32.16
CA THR A 105 -9.47 10.54 32.03
C THR A 105 -8.97 10.63 30.54
N PRO A 106 -7.65 10.56 30.32
CA PRO A 106 -7.14 10.55 28.91
C PRO A 106 -7.77 9.46 28.09
N GLU A 107 -7.87 8.27 28.66
CA GLU A 107 -8.53 7.13 27.96
C GLU A 107 -9.99 7.38 27.61
N ALA A 108 -10.75 7.96 28.53
CA ALA A 108 -12.18 8.28 28.26
C ALA A 108 -12.26 9.36 27.18
N ALA A 109 -11.38 10.36 27.28
CA ALA A 109 -11.39 11.44 26.33
C ALA A 109 -11.13 10.87 24.91
N ALA A 110 -10.10 10.00 24.83
CA ALA A 110 -9.74 9.32 23.54
C ALA A 110 -10.87 8.57 22.94
N LEU A 111 -11.46 7.67 23.73
CA LEU A 111 -12.60 6.94 23.22
C LEU A 111 -13.72 7.85 22.81
N ARG A 112 -13.98 8.90 23.59
CA ARG A 112 -15.09 9.80 23.29
C ARG A 112 -14.84 10.64 22.01
N GLU A 113 -13.65 11.21 21.91
CA GLU A 113 -13.25 11.97 20.69
C GLU A 113 -13.25 11.09 19.47
N LEU A 114 -12.69 9.87 19.59
CA LEU A 114 -12.82 8.92 18.49
C LEU A 114 -14.25 8.68 18.03
N GLU A 115 -15.16 8.41 18.95
CA GLU A 115 -16.54 8.20 18.51
C GLU A 115 -17.16 9.46 17.94
N GLU A 116 -16.95 10.59 18.60
CA GLU A 116 -17.52 11.86 18.11
C GLU A 116 -17.05 12.19 16.71
N GLU A 117 -15.76 12.09 16.50
CA GLU A 117 -15.13 12.46 15.17
C GLU A 117 -15.26 11.45 14.05
N THR A 118 -15.35 10.18 14.38
CA THR A 118 -15.41 9.13 13.35
C THR A 118 -16.58 8.20 13.35
N GLY A 119 -17.32 8.13 14.45
CA GLY A 119 -18.36 7.14 14.57
C GLY A 119 -17.90 5.80 15.15
N TYR A 120 -16.59 5.50 15.15
CA TYR A 120 -16.12 4.26 15.72
C TYR A 120 -16.07 4.18 17.27
N LYS A 121 -16.41 2.97 17.77
CA LYS A 121 -16.20 2.58 19.13
C LYS A 121 -14.99 1.72 19.29
N GLY A 122 -13.99 2.24 19.98
CA GLY A 122 -12.71 1.60 20.09
C GLY A 122 -12.60 0.86 21.39
N ASP A 123 -11.49 0.16 21.53
CA ASP A 123 -11.09 -0.50 22.80
C ASP A 123 -9.73 -0.01 23.08
N ILE A 124 -9.51 0.48 24.29
CA ILE A 124 -8.19 0.90 24.71
C ILE A 124 -7.14 -0.18 24.51
N ALA A 125 -6.01 0.20 23.92
CA ALA A 125 -4.81 -0.66 23.90
C ALA A 125 -3.73 -0.15 24.76
N GLU A 126 -3.37 1.13 24.67
CA GLU A 126 -2.31 1.68 25.50
C GLU A 126 -2.45 3.22 25.53
N CYS A 127 -1.80 3.79 26.49
CA CYS A 127 -1.84 5.23 26.74
C CYS A 127 -0.48 5.74 27.12
N SER A 128 -0.01 6.75 26.40
CA SER A 128 1.33 7.27 26.63
C SER A 128 1.35 8.15 27.86
N PRO A 129 2.51 8.44 28.40
CA PRO A 129 2.58 9.63 29.25
C PRO A 129 2.34 10.94 28.42
N ALA A 130 2.16 12.03 29.13
CA ALA A 130 2.01 13.33 28.51
C ALA A 130 3.21 13.67 27.64
N VAL A 131 2.98 13.96 26.37
CA VAL A 131 4.11 14.24 25.46
C VAL A 131 3.93 15.64 24.88
N CYS A 132 5.01 16.27 24.47
CA CYS A 132 4.94 17.71 24.10
C CYS A 132 4.68 17.89 22.63
N MET A 133 3.79 18.82 22.34
CA MET A 133 3.39 19.15 21.01
C MET A 133 4.39 20.01 20.23
N ASP A 134 5.02 21.01 20.88
CA ASP A 134 5.98 21.88 20.15
C ASP A 134 6.75 22.66 21.18
N PRO A 135 7.76 22.03 21.76
CA PRO A 135 8.13 22.48 23.12
C PRO A 135 9.02 23.76 23.05
N GLY A 136 9.59 24.08 21.89
CA GLY A 136 10.18 25.42 21.74
C GLY A 136 9.20 26.58 21.70
N LEU A 137 7.94 26.32 21.46
CA LEU A 137 6.90 27.33 21.31
C LEU A 137 5.89 27.36 22.48
N SER A 138 5.40 26.19 22.88
CA SER A 138 4.30 26.09 23.83
C SER A 138 4.54 25.03 24.86
N ASN A 139 3.71 25.11 25.90
CA ASN A 139 3.66 24.08 26.91
C ASN A 139 2.65 22.96 26.59
N CYS A 140 2.04 22.97 25.43
CA CYS A 140 0.91 22.08 25.17
C CYS A 140 1.36 20.65 25.15
N THR A 141 0.52 19.81 25.73
CA THR A 141 0.88 18.37 25.87
C THR A 141 -0.37 17.55 25.59
N ILE A 142 -0.11 16.30 25.15
CA ILE A 142 -1.17 15.35 24.92
C ILE A 142 -0.79 13.99 25.46
N HIS A 143 -1.83 13.17 25.62
CA HIS A 143 -1.61 11.70 25.67
C HIS A 143 -1.92 11.17 24.31
N ILE A 144 -1.05 10.30 23.86
CA ILE A 144 -1.27 9.54 22.64
C ILE A 144 -1.82 8.19 23.09
N VAL A 145 -3.07 7.99 22.71
CA VAL A 145 -3.84 6.81 23.10
C VAL A 145 -4.06 5.90 21.91
N THR A 146 -3.48 4.72 21.97
CA THR A 146 -3.69 3.66 20.96
C THR A 146 -4.94 2.89 21.32
N VAL A 147 -5.83 2.76 20.34
CA VAL A 147 -7.12 2.15 20.46
C VAL A 147 -7.29 1.21 19.27
N THR A 148 -7.78 0.02 19.54
CA THR A 148 -8.20 -0.89 18.45
C THR A 148 -9.68 -0.75 18.16
N ILE A 149 -10.06 -0.89 16.92
CA ILE A 149 -11.42 -0.85 16.57
C ILE A 149 -11.76 -2.21 15.97
N ASN A 150 -12.75 -2.87 16.54
CA ASN A 150 -13.16 -4.17 16.02
C ASN A 150 -14.17 -3.86 14.92
N GLY A 151 -13.67 -3.86 13.67
CA GLY A 151 -14.49 -3.60 12.54
C GLY A 151 -15.48 -4.73 12.17
N ASP A 152 -15.35 -5.90 12.77
CA ASP A 152 -16.35 -6.96 12.59
C ASP A 152 -17.62 -6.75 13.48
N ASP A 153 -17.52 -5.94 14.53
CA ASP A 153 -18.64 -5.74 15.44
C ASP A 153 -19.67 -4.84 14.73
N ALA A 154 -20.95 -5.14 14.95
CA ALA A 154 -22.01 -4.44 14.23
C ALA A 154 -22.06 -2.95 14.65
N GLU A 155 -21.73 -2.70 15.93
CA GLU A 155 -21.53 -1.34 16.46
C GLU A 155 -20.69 -0.45 15.53
N ASN A 156 -19.78 -1.04 14.76
CA ASN A 156 -18.78 -0.33 13.94
C ASN A 156 -18.94 -0.54 12.44
N ALA A 157 -20.17 -0.90 12.05
CA ALA A 157 -20.52 -1.35 10.69
C ALA A 157 -20.64 -0.17 9.74
N ARG A 158 -21.59 0.73 10.01
CA ARG A 158 -21.83 1.89 9.14
C ARG A 158 -21.87 3.17 9.99
N PRO A 159 -20.84 3.42 10.82
CA PRO A 159 -20.89 4.40 11.95
C PRO A 159 -21.05 5.91 11.56
N LYS A 160 -21.83 6.69 12.32
CA LYS A 160 -22.00 8.14 12.09
C LYS A 160 -21.14 9.00 13.08
N PRO A 161 -20.25 9.88 12.57
CA PRO A 161 -19.72 10.93 13.45
C PRO A 161 -20.84 11.71 14.15
N LYS A 162 -20.58 12.15 15.39
CA LYS A 162 -21.42 13.08 16.14
C LYS A 162 -20.56 14.31 16.41
N PRO A 163 -20.34 15.13 15.38
CA PRO A 163 -19.47 16.28 15.65
C PRO A 163 -20.16 17.29 16.60
N GLY A 164 -19.40 17.82 17.58
CA GLY A 164 -19.83 18.96 18.41
C GLY A 164 -20.20 20.21 17.62
N ASP A 165 -20.38 21.32 18.32
CA ASP A 165 -20.76 22.60 17.71
C ASP A 165 -19.62 23.18 16.85
N GLY A 166 -19.91 23.43 15.57
CA GLY A 166 -18.91 23.95 14.63
C GLY A 166 -17.77 23.00 14.30
N GLU A 167 -18.03 21.69 14.39
CA GLU A 167 -17.08 20.64 14.01
C GLU A 167 -17.54 20.01 12.70
N PHE A 168 -16.64 19.92 11.72
CA PHE A 168 -16.97 19.35 10.40
C PHE A 168 -15.77 18.52 9.95
N VAL A 169 -15.88 17.22 10.23
CA VAL A 169 -14.81 16.26 10.08
C VAL A 169 -15.12 15.18 9.03
N GLU A 170 -14.13 14.83 8.22
CA GLU A 170 -14.19 13.75 7.26
C GLU A 170 -13.25 12.62 7.75
N VAL A 171 -13.65 11.37 7.59
CA VAL A 171 -12.91 10.24 8.08
C VAL A 171 -12.19 9.65 6.93
N ILE A 172 -10.90 9.36 7.12
CA ILE A 172 -10.08 8.74 6.07
C ILE A 172 -9.35 7.55 6.66
N SER A 173 -9.66 6.35 6.19
CA SER A 173 -8.96 5.17 6.67
C SER A 173 -7.98 4.63 5.66
N LEU A 174 -6.73 4.50 6.07
CA LEU A 174 -5.62 4.12 5.19
C LEU A 174 -4.95 2.86 5.72
N PRO A 175 -4.56 1.90 4.84
CA PRO A 175 -3.87 0.72 5.32
C PRO A 175 -2.61 1.01 5.95
N LYS A 176 -2.39 0.42 7.14
CA LYS A 176 -1.20 0.59 7.90
C LYS A 176 0.05 0.18 7.10
N ASN A 177 -0.14 -0.86 6.25
CA ASN A 177 0.97 -1.42 5.47
C ASN A 177 1.40 -0.56 4.33
N ASP A 178 0.67 0.51 4.05
CA ASP A 178 1.08 1.43 2.93
C ASP A 178 0.86 2.88 3.34
N LEU A 179 0.91 3.17 4.66
CA LEU A 179 0.39 4.49 5.11
C LEU A 179 1.12 5.70 4.45
N LEU A 180 2.44 5.64 4.47
CA LEU A 180 3.30 6.72 4.02
C LEU A 180 3.05 7.02 2.53
N GLN A 181 2.93 5.98 1.70
CA GLN A 181 2.64 6.21 0.29
C GLN A 181 1.26 6.72 0.11
N ARG A 182 0.31 6.27 0.91
CA ARG A 182 -1.05 6.76 0.74
C ARG A 182 -1.23 8.23 1.16
N LEU A 183 -0.48 8.63 2.19
CA LEU A 183 -0.46 10.03 2.66
C LEU A 183 0.24 10.89 1.60
N ASP A 184 1.37 10.41 1.10
CA ASP A 184 2.07 11.11 -0.02
C ASP A 184 1.16 11.28 -1.23
N ALA A 185 0.35 10.30 -1.58
CA ALA A 185 -0.60 10.47 -2.69
C ALA A 185 -1.68 11.51 -2.42
N LEU A 186 -2.29 11.47 -1.23
CA LEU A 186 -3.19 12.53 -0.82
C LEU A 186 -2.62 13.96 -0.90
N VAL A 187 -1.38 14.13 -0.51
CA VAL A 187 -0.73 15.42 -0.51
C VAL A 187 -0.47 15.80 -1.98
N ALA A 188 -0.19 14.80 -2.81
CA ALA A 188 0.02 15.05 -4.24
C ALA A 188 -1.27 15.50 -4.97
N GLU A 189 -2.41 14.87 -4.71
CA GLU A 189 -3.68 15.17 -5.42
C GLU A 189 -4.57 16.24 -4.77
N GLU A 190 -4.15 16.82 -3.63
CA GLU A 190 -5.14 17.57 -2.83
C GLU A 190 -4.77 18.87 -2.17
N HIS A 191 -3.52 19.29 -2.07
CA HIS A 191 -3.28 20.54 -1.27
C HIS A 191 -3.98 20.49 0.16
N LEU A 192 -3.34 19.71 1.00
CA LEU A 192 -3.75 19.52 2.35
C LEU A 192 -2.47 19.27 3.05
N THR A 193 -2.49 19.41 4.35
CA THR A 193 -1.27 19.26 5.10
C THR A 193 -1.41 17.98 5.96
N VAL A 194 -0.36 17.21 6.02
CA VAL A 194 -0.38 16.09 6.93
C VAL A 194 0.18 16.52 8.27
N ASP A 195 -0.41 16.06 9.35
CA ASP A 195 0.17 16.29 10.72
C ASP A 195 1.49 15.67 10.93
N ALA A 196 2.33 16.36 11.68
CA ALA A 196 3.67 15.82 11.93
C ALA A 196 3.76 14.51 12.73
N ARG A 197 2.79 14.28 13.61
CA ARG A 197 2.67 12.99 14.33
C ARG A 197 2.26 11.87 13.42
N VAL A 198 1.28 12.14 12.58
CA VAL A 198 0.84 11.17 11.64
C VAL A 198 1.97 10.80 10.69
N TYR A 199 2.70 11.80 10.20
CA TYR A 199 3.81 11.55 9.28
C TYR A 199 4.94 10.76 9.94
N SER A 200 5.24 11.06 11.17
CA SER A 200 6.29 10.39 11.93
C SER A 200 6.01 8.90 12.15
N TYR A 201 4.76 8.67 12.48
CA TYR A 201 4.20 7.32 12.64
C TYR A 201 4.28 6.51 11.28
N ALA A 202 3.78 7.09 10.21
CA ALA A 202 3.96 6.53 8.85
C ALA A 202 5.38 6.29 8.42
N LEU A 203 6.32 7.20 8.74
CA LEU A 203 7.75 6.96 8.51
C LEU A 203 8.30 5.74 9.28
N ALA A 204 7.98 5.65 10.58
CA ALA A 204 8.44 4.48 11.37
C ALA A 204 7.81 3.19 10.86
N LEU A 205 6.58 3.19 10.36
CA LEU A 205 6.02 2.01 9.80
C LEU A 205 6.86 1.51 8.58
N LYS A 206 7.23 2.43 7.72
CA LYS A 206 8.25 2.12 6.71
C LYS A 206 9.59 1.70 7.27
N HIS A 207 10.18 2.46 8.17
CA HIS A 207 11.54 2.19 8.66
C HIS A 207 11.65 0.80 9.36
N ALA A 208 10.54 0.32 9.95
CA ALA A 208 10.49 -1.03 10.44
C ALA A 208 10.27 -1.98 9.22
N LYS B 15 -14.84 24.99 0.56
CA LYS B 15 -16.05 25.28 1.39
C LYS B 15 -15.77 26.08 2.66
N GLN B 16 -14.70 25.75 3.41
CA GLN B 16 -14.29 26.61 4.55
C GLN B 16 -13.06 27.41 4.17
N TYR B 17 -12.98 28.66 4.63
CA TYR B 17 -11.87 29.51 4.29
C TYR B 17 -11.65 30.65 5.30
N ILE B 18 -10.50 31.29 5.19
CA ILE B 18 -10.15 32.40 6.01
C ILE B 18 -10.74 33.69 5.37
N ILE B 19 -11.37 34.51 6.19
CA ILE B 19 -11.96 35.76 5.74
C ILE B 19 -11.03 36.90 6.16
N SER B 20 -10.55 36.91 7.42
CA SER B 20 -9.52 37.88 7.84
C SER B 20 -8.78 37.44 9.06
N GLU B 21 -7.67 38.13 9.34
CA GLU B 21 -6.84 37.87 10.51
C GLU B 21 -6.54 39.20 11.17
N GLU B 22 -6.91 39.30 12.42
CA GLU B 22 -6.61 40.46 13.24
C GLU B 22 -5.43 40.17 14.15
N LEU B 23 -4.37 40.97 14.08
CA LEU B 23 -3.28 40.86 15.05
C LEU B 23 -3.68 41.19 16.49
N ILE B 24 -3.46 40.30 17.43
CA ILE B 24 -3.79 40.60 18.84
C ILE B 24 -2.51 41.06 19.57
N SER B 25 -1.38 40.44 19.27
CA SER B 25 -0.14 40.70 20.03
C SER B 25 1.03 40.09 19.29
N GLU B 26 2.10 40.86 19.12
CA GLU B 26 3.27 40.45 18.38
C GLU B 26 4.47 40.63 19.24
N GLY B 27 5.18 39.53 19.46
CA GLY B 27 6.45 39.59 20.13
C GLY B 27 7.53 39.60 19.13
N LYS B 28 8.75 39.36 19.60
CA LYS B 28 9.89 39.26 18.75
C LYS B 28 9.78 37.95 17.95
N TRP B 29 9.30 36.87 18.58
CA TRP B 29 9.37 35.55 17.98
C TRP B 29 8.02 34.95 17.59
N VAL B 30 6.94 35.42 18.21
CA VAL B 30 5.64 34.77 18.19
C VAL B 30 4.59 35.84 18.24
N LYS B 31 3.49 35.61 17.52
CA LYS B 31 2.33 36.44 17.59
C LYS B 31 1.05 35.66 17.78
N LEU B 32 0.04 36.35 18.29
CA LEU B 32 -1.25 35.82 18.52
C LEU B 32 -2.21 36.60 17.69
N GLU B 33 -3.05 35.88 16.96
CA GLU B 33 -3.99 36.46 15.99
C GLU B 33 -5.36 35.94 16.25
N LYS B 34 -6.34 36.71 15.82
CA LYS B 34 -7.68 36.25 15.86
C LYS B 34 -8.11 36.10 14.39
N THR B 35 -8.36 34.87 14.02
CA THR B 35 -8.78 34.46 12.66
C THR B 35 -10.24 34.42 12.53
N THR B 36 -10.78 35.12 11.54
CA THR B 36 -12.20 34.90 11.17
C THR B 36 -12.28 34.00 9.93
N TYR B 37 -13.18 33.05 10.00
CA TYR B 37 -13.30 32.06 8.94
C TYR B 37 -14.77 31.70 8.74
N MET B 38 -15.03 31.14 7.57
CA MET B 38 -16.39 30.76 7.19
C MET B 38 -16.51 29.29 7.49
N ASP B 39 -17.44 28.91 8.33
CA ASP B 39 -17.66 27.50 8.60
C ASP B 39 -18.50 27.01 7.44
N PRO B 40 -18.67 25.71 7.30
CA PRO B 40 -19.31 25.21 6.08
C PRO B 40 -20.84 25.41 6.04
N THR B 41 -21.47 25.67 7.19
CA THR B 41 -22.88 26.11 7.24
C THR B 41 -23.13 27.55 6.74
N GLY B 42 -22.09 28.28 6.28
CA GLY B 42 -22.23 29.72 5.91
C GLY B 42 -22.21 30.69 7.10
N LYS B 43 -21.95 30.19 8.31
CA LYS B 43 -21.72 31.02 9.50
C LYS B 43 -20.25 31.46 9.63
N THR B 44 -20.08 32.65 10.18
CA THR B 44 -18.80 33.27 10.32
C THR B 44 -18.34 32.98 11.74
N ARG B 45 -17.05 32.61 11.90
CA ARG B 45 -16.54 32.09 13.21
C ARG B 45 -15.16 32.62 13.46
N THR B 46 -14.71 32.57 14.71
CA THR B 46 -13.40 33.06 15.06
C THR B 46 -12.54 32.00 15.74
N TRP B 47 -11.24 32.16 15.58
CA TRP B 47 -10.24 31.24 16.14
C TRP B 47 -9.04 32.04 16.62
N GLU B 48 -8.51 31.67 17.77
CA GLU B 48 -7.23 32.29 18.24
C GLU B 48 -6.11 31.40 17.73
N SER B 49 -5.16 32.01 17.02
CA SER B 49 -4.10 31.33 16.25
C SER B 49 -2.78 31.93 16.61
N VAL B 50 -1.79 31.09 16.71
CA VAL B 50 -0.43 31.53 16.95
C VAL B 50 0.40 31.32 15.71
N LYS B 51 1.29 32.26 15.43
CA LYS B 51 2.24 32.15 14.34
C LYS B 51 3.59 32.57 14.82
N ARG B 52 4.63 31.97 14.25
CA ARG B 52 5.97 32.53 14.45
C ARG B 52 6.15 33.76 13.56
N THR B 53 7.00 34.68 14.00
CA THR B 53 7.25 35.92 13.22
C THR B 53 8.45 35.72 12.28
N THR B 54 9.09 34.54 12.34
CA THR B 54 10.31 34.24 11.60
C THR B 54 10.15 33.55 10.23
N ARG B 55 8.97 33.19 9.78
CA ARG B 55 8.90 32.38 8.57
C ARG B 55 8.90 33.22 7.31
N LYS B 56 9.50 32.71 6.22
CA LYS B 56 9.65 33.47 4.95
C LYS B 56 8.53 33.16 3.95
N GLN B 58 10.18 30.55 3.46
CA GLN B 58 10.57 29.17 3.46
C GLN B 58 9.40 28.22 3.17
N THR B 59 9.79 26.97 2.91
CA THR B 59 8.88 25.78 2.82
C THR B 59 8.06 25.58 4.09
N ALA B 60 8.54 26.13 5.22
CA ALA B 60 8.16 25.65 6.53
C ALA B 60 8.99 26.41 7.53
N ASP B 61 8.52 26.44 8.75
CA ASP B 61 9.29 27.12 9.81
C ASP B 61 10.63 26.48 10.08
N GLY B 62 10.64 25.17 10.12
CA GLY B 62 11.77 24.41 10.65
C GLY B 62 11.90 23.02 10.02
N VAL B 63 12.92 22.33 10.49
CA VAL B 63 13.14 20.93 10.23
C VAL B 63 13.32 20.17 11.58
N ALA B 64 12.91 18.91 11.56
CA ALA B 64 13.27 17.91 12.53
C ALA B 64 13.93 16.74 11.80
N VAL B 65 15.00 16.26 12.37
CA VAL B 65 15.84 15.26 11.81
C VAL B 65 15.62 13.92 12.56
N ILE B 66 15.31 12.89 11.81
CA ILE B 66 15.32 11.53 12.31
C ILE B 66 16.69 10.93 11.95
N PRO B 67 17.63 10.94 12.91
CA PRO B 67 18.98 10.51 12.61
C PRO B 67 19.22 9.04 13.06
N VAL B 68 19.31 8.16 12.08
CA VAL B 68 19.54 6.74 12.28
C VAL B 68 21.08 6.49 12.32
N LEU B 69 21.59 6.32 13.52
CA LEU B 69 23.01 6.01 13.73
C LEU B 69 23.28 4.54 13.42
N GLN B 70 23.91 4.32 12.26
CA GLN B 70 24.27 2.96 11.82
C GLN B 70 25.73 2.55 12.07
N ARG B 71 25.92 1.58 12.95
CA ARG B 71 27.26 1.08 13.29
C ARG B 71 27.29 -0.42 13.21
N THR B 72 28.29 -0.94 12.53
CA THR B 72 28.30 -2.36 12.33
C THR B 72 28.48 -3.12 13.64
N LEU B 73 27.83 -4.28 13.71
CA LEU B 73 27.78 -5.11 14.92
C LEU B 73 27.13 -4.49 16.17
N HIS B 74 26.35 -3.43 15.95
CA HIS B 74 25.60 -2.78 17.00
C HIS B 74 24.18 -2.64 16.58
N TYR B 75 23.26 -2.48 17.56
CA TYR B 75 21.95 -2.03 17.17
C TYR B 75 21.93 -0.66 16.49
N GLU B 76 21.04 -0.47 15.50
CA GLU B 76 20.77 0.91 15.00
C GLU B 76 20.24 1.75 16.13
N CYS B 77 20.68 3.01 16.21
CA CYS B 77 20.20 3.94 17.21
C CYS B 77 19.47 5.07 16.50
N ILE B 78 18.58 5.70 17.27
CA ILE B 78 17.97 6.96 16.89
C ILE B 78 18.63 7.92 17.83
N VAL B 79 19.21 8.95 17.25
CA VAL B 79 19.93 9.99 17.95
C VAL B 79 18.94 11.12 18.32
N LEU B 80 18.81 11.38 19.60
CA LEU B 80 17.89 12.40 20.10
C LEU B 80 18.63 13.37 20.97
N VAL B 81 17.96 14.46 21.32
CA VAL B 81 18.56 15.48 22.13
C VAL B 81 17.69 15.86 23.31
N LYS B 82 18.31 16.21 24.42
CA LYS B 82 17.62 16.62 25.61
C LYS B 82 18.05 18.07 25.86
N GLN B 83 17.08 18.94 26.13
CA GLN B 83 17.30 20.37 26.37
C GLN B 83 16.23 20.89 27.30
N PHE B 84 16.52 22.01 27.95
CA PHE B 84 15.54 22.69 28.75
C PHE B 84 14.70 23.48 27.77
N ARG B 85 13.40 23.35 27.94
CA ARG B 85 12.44 24.08 27.11
C ARG B 85 11.68 25.06 27.94
N PRO B 86 11.96 26.36 27.79
CA PRO B 86 11.31 27.32 28.69
C PRO B 86 9.80 27.29 28.61
N PRO B 87 9.21 27.10 27.42
CA PRO B 87 7.76 26.96 27.41
C PRO B 87 7.22 25.78 28.20
N MET B 88 7.97 24.70 28.28
CA MET B 88 7.60 23.54 29.08
C MET B 88 8.02 23.65 30.58
N GLY B 89 9.01 24.49 30.92
CA GLY B 89 9.50 24.65 32.27
C GLY B 89 10.23 23.42 32.75
N GLY B 90 10.77 22.69 31.79
CA GLY B 90 11.28 21.36 32.04
C GLY B 90 12.20 20.94 30.93
N TYR B 91 12.88 19.84 31.17
CA TYR B 91 13.69 19.22 30.14
C TYR B 91 12.87 18.30 29.20
N CYS B 92 13.19 18.31 27.90
CA CYS B 92 12.48 17.49 26.89
C CYS B 92 13.45 16.70 26.05
N ILE B 93 12.97 15.57 25.59
CA ILE B 93 13.69 14.73 24.67
C ILE B 93 13.03 14.85 23.30
N GLU B 94 13.84 15.19 22.30
CA GLU B 94 13.37 15.55 20.95
C GLU B 94 14.29 15.05 19.82
N PHE B 95 13.73 14.95 18.62
CA PHE B 95 14.59 14.87 17.44
C PHE B 95 15.39 16.17 17.35
N PRO B 96 16.66 16.10 16.97
CA PRO B 96 17.34 17.38 16.58
C PRO B 96 16.55 18.17 15.57
N ALA B 97 16.50 19.49 15.80
CA ALA B 97 15.67 20.35 15.09
C ALA B 97 16.11 21.79 15.21
N GLY B 98 15.69 22.56 14.22
CA GLY B 98 15.78 24.02 14.31
C GLY B 98 15.07 24.69 13.13
N LEU B 99 15.07 26.01 13.17
CA LEU B 99 14.53 26.82 12.10
C LEU B 99 15.44 26.83 10.84
N ILE B 100 14.79 26.87 9.70
CA ILE B 100 15.43 26.86 8.40
C ILE B 100 15.90 28.31 8.12
N ASP B 101 17.20 28.52 7.94
CA ASP B 101 17.73 29.90 7.62
C ASP B 101 17.16 30.41 6.28
N ASP B 102 16.88 31.72 6.16
CA ASP B 102 16.38 32.25 4.86
C ASP B 102 17.39 31.87 3.75
N GLY B 103 16.91 31.36 2.64
CA GLY B 103 17.80 30.81 1.63
C GLY B 103 18.47 29.47 1.92
N GLU B 104 18.08 28.78 3.00
CA GLU B 104 18.51 27.38 3.22
C GLU B 104 17.51 26.39 2.63
N THR B 105 17.96 25.28 2.06
CA THR B 105 17.01 24.20 1.73
C THR B 105 16.67 23.37 3.03
N PRO B 106 15.54 22.63 3.04
CA PRO B 106 15.26 21.72 4.22
C PRO B 106 16.35 20.69 4.48
N GLU B 107 16.80 20.05 3.40
CA GLU B 107 17.89 19.06 3.49
C GLU B 107 19.12 19.67 4.12
N ALA B 108 19.39 20.93 3.81
CA ALA B 108 20.66 21.53 4.23
C ALA B 108 20.52 21.96 5.65
N ALA B 109 19.34 22.45 6.03
CA ALA B 109 19.09 22.82 7.43
C ALA B 109 19.20 21.59 8.33
N ALA B 110 18.83 20.45 7.78
CA ALA B 110 18.82 19.17 8.54
C ALA B 110 20.20 18.70 8.85
N LEU B 111 21.06 18.67 7.84
CA LEU B 111 22.48 18.33 8.11
C LEU B 111 23.17 19.30 8.99
N ARG B 112 22.88 20.58 8.83
CA ARG B 112 23.48 21.59 9.66
C ARG B 112 23.06 21.43 11.10
N GLU B 113 21.74 21.39 11.34
CA GLU B 113 21.22 21.29 12.72
C GLU B 113 21.72 20.04 13.40
N LEU B 114 21.69 18.96 12.64
CA LEU B 114 22.19 17.68 13.15
C LEU B 114 23.65 17.85 13.58
N GLU B 115 24.45 18.55 12.79
CA GLU B 115 25.85 18.79 13.21
C GLU B 115 26.00 19.69 14.39
N GLU B 116 25.28 20.80 14.42
CA GLU B 116 25.41 21.71 15.51
C GLU B 116 24.97 21.12 16.84
N GLU B 117 23.89 20.33 16.78
CA GLU B 117 23.27 19.81 18.01
C GLU B 117 23.90 18.52 18.51
N THR B 118 24.41 17.71 17.61
CA THR B 118 24.95 16.40 17.99
C THR B 118 26.43 16.19 17.63
N GLY B 119 27.00 17.01 16.74
CA GLY B 119 28.31 16.70 16.15
C GLY B 119 28.25 15.67 15.03
N TYR B 120 27.19 14.86 14.90
CA TYR B 120 27.16 13.88 13.78
C TYR B 120 26.98 14.50 12.41
N LYS B 121 27.69 13.90 11.45
CA LYS B 121 27.65 14.26 10.04
C LYS B 121 27.00 13.15 9.34
N GLY B 122 25.93 13.46 8.64
CA GLY B 122 25.07 12.45 8.10
C GLY B 122 24.66 12.67 6.69
N ASP B 123 23.92 11.70 6.21
CA ASP B 123 23.50 11.67 4.83
C ASP B 123 21.99 11.70 4.72
N ILE B 124 21.44 12.46 3.78
CA ILE B 124 19.98 12.49 3.52
C ILE B 124 19.40 11.21 2.89
N ALA B 125 18.31 10.67 3.46
CA ALA B 125 17.59 9.54 2.91
C ALA B 125 16.24 9.88 2.31
N GLU B 126 15.50 10.73 2.99
CA GLU B 126 14.25 11.21 2.49
C GLU B 126 13.90 12.45 3.29
N CYS B 127 12.95 13.19 2.77
CA CYS B 127 12.54 14.44 3.36
C CYS B 127 11.03 14.51 3.17
N SER B 128 10.28 14.84 4.21
CA SER B 128 8.84 15.02 4.06
C SER B 128 8.44 16.33 3.38
N PRO B 129 7.21 16.40 2.91
CA PRO B 129 6.58 17.70 2.69
C PRO B 129 6.35 18.43 3.98
N ALA B 130 5.90 19.66 3.87
CA ALA B 130 5.76 20.47 5.07
C ALA B 130 4.61 19.79 5.88
N VAL B 131 4.87 19.56 7.16
CA VAL B 131 3.86 18.89 8.05
C VAL B 131 3.56 19.75 9.28
N CYS B 132 2.31 19.74 9.75
CA CYS B 132 1.98 20.70 10.80
C CYS B 132 2.26 20.23 12.22
N MET B 133 2.65 21.17 13.05
CA MET B 133 3.06 20.87 14.38
C MET B 133 1.88 20.74 15.37
N ASP B 134 0.97 21.71 15.37
CA ASP B 134 -0.18 21.69 16.25
C ASP B 134 -1.26 22.53 15.59
N PRO B 135 -2.02 21.92 14.69
CA PRO B 135 -2.75 22.81 13.74
C PRO B 135 -3.98 23.45 14.32
N GLY B 136 -4.49 22.90 15.44
CA GLY B 136 -5.50 23.58 16.23
C GLY B 136 -5.03 24.84 16.93
N LEU B 137 -3.74 25.02 17.06
CA LEU B 137 -3.19 26.14 17.78
C LEU B 137 -2.36 27.11 16.93
N SER B 138 -1.50 26.60 16.06
CA SER B 138 -0.54 27.41 15.30
C SER B 138 -0.48 27.03 13.88
N ASN B 139 0.19 27.87 13.08
CA ASN B 139 0.40 27.51 11.67
C ASN B 139 1.75 26.83 11.49
N CYS B 140 2.45 26.48 12.59
CA CYS B 140 3.82 26.04 12.51
C CYS B 140 3.97 24.74 11.76
N THR B 141 4.94 24.73 10.85
CA THR B 141 5.24 23.56 10.08
C THR B 141 6.73 23.24 10.06
N ILE B 142 7.03 21.98 9.71
CA ILE B 142 8.38 21.47 9.59
C ILE B 142 8.42 20.46 8.47
N HIS B 143 9.64 20.26 7.96
CA HIS B 143 10.00 19.07 7.21
C HIS B 143 10.66 18.07 8.14
N ILE B 144 10.22 16.83 8.04
CA ILE B 144 10.88 15.78 8.74
C ILE B 144 11.86 15.16 7.74
N VAL B 145 13.11 15.14 8.12
CA VAL B 145 14.17 14.71 7.27
C VAL B 145 14.86 13.51 7.94
N THR B 146 14.72 12.36 7.29
CA THR B 146 15.39 11.11 7.66
C THR B 146 16.80 11.17 7.09
N VAL B 147 17.75 10.93 7.98
CA VAL B 147 19.17 11.06 7.74
C VAL B 147 19.79 9.79 8.33
N THR B 148 20.70 9.17 7.62
CA THR B 148 21.53 8.11 8.22
C THR B 148 22.95 8.65 8.51
N ILE B 149 23.54 8.15 9.59
CA ILE B 149 24.86 8.54 10.10
C ILE B 149 25.73 7.27 10.06
N ASN B 150 26.78 7.31 9.26
CA ASN B 150 27.71 6.19 9.22
C ASN B 150 28.57 6.37 10.42
N GLY B 151 28.26 5.59 11.45
CA GLY B 151 28.91 5.68 12.74
C GLY B 151 30.33 5.10 12.71
N ASP B 152 30.62 4.38 11.64
CA ASP B 152 31.93 3.74 11.43
C ASP B 152 32.94 4.64 10.66
N ASP B 153 32.51 5.80 10.15
CA ASP B 153 33.45 6.76 9.53
C ASP B 153 34.15 7.56 10.61
N ALA B 154 35.39 7.99 10.33
CA ALA B 154 36.18 8.77 11.31
C ALA B 154 35.59 10.15 11.66
N GLU B 155 34.84 10.77 10.76
CA GLU B 155 34.19 12.06 11.06
C GLU B 155 33.13 11.98 12.21
N ASN B 156 32.60 10.77 12.44
CA ASN B 156 31.60 10.50 13.46
C ASN B 156 32.19 9.69 14.59
N ALA B 157 33.52 9.65 14.69
CA ALA B 157 34.19 8.91 15.76
C ALA B 157 34.07 9.66 17.07
N ARG B 158 34.46 10.94 17.06
CA ARG B 158 34.37 11.81 18.25
C ARG B 158 33.54 13.05 17.88
N PRO B 159 32.22 12.85 17.68
CA PRO B 159 31.43 13.92 17.05
C PRO B 159 31.52 15.24 17.84
N LYS B 160 31.73 16.34 17.11
CA LYS B 160 32.00 17.65 17.71
C LYS B 160 30.77 18.56 17.56
N PRO B 161 29.93 18.70 18.64
CA PRO B 161 28.77 19.61 18.51
C PRO B 161 29.22 21.06 18.44
N LYS B 162 28.74 21.79 17.44
CA LYS B 162 29.01 23.22 17.30
C LYS B 162 27.72 24.04 17.64
N PRO B 163 27.33 24.08 18.94
CA PRO B 163 26.12 24.80 19.34
C PRO B 163 26.28 26.33 19.34
N GLY B 164 25.21 27.05 19.02
CA GLY B 164 25.19 28.50 19.09
C GLY B 164 25.18 29.08 20.52
N ASP B 165 25.21 30.41 20.58
CA ASP B 165 25.07 31.16 21.82
C ASP B 165 23.74 30.80 22.51
N GLY B 166 23.79 30.41 23.79
CA GLY B 166 22.60 30.08 24.58
C GLY B 166 21.97 28.69 24.41
N GLU B 167 22.48 27.86 23.51
CA GLU B 167 21.96 26.49 23.31
C GLU B 167 22.80 25.51 24.13
N PHE B 168 22.12 24.67 24.91
CA PHE B 168 22.74 23.64 25.77
C PHE B 168 21.97 22.33 25.60
N VAL B 169 22.56 21.44 24.82
CA VAL B 169 21.93 20.25 24.28
C VAL B 169 22.75 19.01 24.72
N GLU B 170 22.10 18.03 25.35
CA GLU B 170 22.73 16.70 25.62
C GLU B 170 22.23 15.72 24.56
N VAL B 171 23.14 14.88 24.08
CA VAL B 171 22.86 13.95 23.01
C VAL B 171 22.52 12.63 23.70
N ILE B 172 21.47 11.96 23.21
CA ILE B 172 21.03 10.67 23.75
C ILE B 172 20.66 9.77 22.57
N SER B 173 21.48 8.75 22.34
CA SER B 173 21.22 7.81 21.29
C SER B 173 20.57 6.56 21.88
N LEU B 174 19.42 6.20 21.36
CA LEU B 174 18.72 5.07 21.84
C LEU B 174 18.49 4.02 20.77
N PRO B 175 18.46 2.72 21.19
CA PRO B 175 18.30 1.71 20.19
C PRO B 175 16.95 1.73 19.51
N LYS B 176 16.98 1.72 18.21
CA LYS B 176 15.79 1.73 17.38
C LYS B 176 14.79 0.58 17.75
N ASN B 177 15.30 -0.65 17.93
CA ASN B 177 14.43 -1.82 18.14
C ASN B 177 13.79 -1.91 19.58
N ASP B 178 14.18 -1.04 20.53
CA ASP B 178 13.47 -0.97 21.80
C ASP B 178 13.10 0.49 22.18
N LEU B 179 12.89 1.35 21.18
CA LEU B 179 12.90 2.80 21.41
C LEU B 179 11.80 3.15 22.41
N LEU B 180 10.60 2.63 22.17
CA LEU B 180 9.47 3.00 23.00
C LEU B 180 9.69 2.69 24.49
N GLN B 181 10.20 1.50 24.80
CA GLN B 181 10.50 1.12 26.19
C GLN B 181 11.59 1.97 26.75
N ARG B 182 12.56 2.31 25.94
CA ARG B 182 13.54 3.21 26.45
C ARG B 182 13.03 4.60 26.78
N LEU B 183 12.11 5.12 25.97
CA LEU B 183 11.62 6.45 26.26
C LEU B 183 10.75 6.42 27.50
N ASP B 184 9.96 5.38 27.61
CA ASP B 184 9.02 5.21 28.74
C ASP B 184 9.81 5.17 30.02
N ALA B 185 10.95 4.49 29.99
CA ALA B 185 11.91 4.54 31.08
C ALA B 185 12.45 5.91 31.40
N LEU B 186 12.90 6.67 30.39
CA LEU B 186 13.41 7.98 30.66
C LEU B 186 12.36 8.83 31.31
N VAL B 187 11.13 8.74 30.83
CA VAL B 187 10.05 9.46 31.46
C VAL B 187 9.82 9.03 32.91
N ALA B 188 9.80 7.72 33.18
CA ALA B 188 9.44 7.22 34.52
C ALA B 188 10.54 7.57 35.48
N GLU B 189 11.76 7.54 35.00
CA GLU B 189 12.87 7.65 35.86
C GLU B 189 13.55 9.01 35.87
N GLU B 190 13.38 9.84 34.84
CA GLU B 190 14.02 11.17 34.81
C GLU B 190 13.06 12.39 34.89
N HIS B 191 11.75 12.13 34.85
CA HIS B 191 10.72 13.19 34.70
C HIS B 191 10.98 14.17 33.52
N LEU B 192 11.55 13.63 32.44
CA LEU B 192 11.73 14.36 31.17
C LEU B 192 10.41 14.27 30.46
N THR B 193 10.14 15.18 29.52
CA THR B 193 8.99 15.06 28.66
C THR B 193 9.48 14.62 27.29
N VAL B 194 8.85 13.58 26.73
CA VAL B 194 9.18 13.13 25.43
C VAL B 194 8.33 13.88 24.42
N ASP B 195 8.95 14.30 23.33
CA ASP B 195 8.22 14.89 22.23
C ASP B 195 7.29 14.01 21.52
N ALA B 196 6.17 14.56 21.08
CA ALA B 196 5.09 13.75 20.52
C ALA B 196 5.45 13.10 19.19
N ARG B 197 6.30 13.76 18.38
CA ARG B 197 6.71 13.15 17.17
C ARG B 197 7.63 11.98 17.45
N VAL B 198 8.57 12.17 18.37
CA VAL B 198 9.45 11.10 18.83
C VAL B 198 8.65 9.90 19.37
N TYR B 199 7.61 10.18 20.12
CA TYR B 199 6.78 9.11 20.71
C TYR B 199 5.98 8.39 19.63
N SER B 200 5.47 9.13 18.67
CA SER B 200 4.73 8.58 17.60
C SER B 200 5.52 7.65 16.74
N TYR B 201 6.75 8.05 16.49
CA TYR B 201 7.75 7.24 15.75
C TYR B 201 7.95 5.90 16.51
N ALA B 202 8.26 5.99 17.82
CA ALA B 202 8.54 4.87 18.64
C ALA B 202 7.41 3.88 18.71
N LEU B 203 6.18 4.41 18.72
CA LEU B 203 4.98 3.61 18.74
C LEU B 203 4.84 2.85 17.46
N ALA B 204 4.98 3.53 16.33
CA ALA B 204 4.88 2.81 15.05
C ALA B 204 5.98 1.78 14.88
N LEU B 205 7.14 1.93 15.49
CA LEU B 205 8.16 0.88 15.37
C LEU B 205 7.61 -0.42 16.01
N LYS B 206 6.87 -0.27 17.12
CA LYS B 206 6.23 -1.43 17.77
C LYS B 206 5.03 -1.91 16.99
N HIS B 207 4.19 -1.03 16.52
CA HIS B 207 2.99 -1.39 15.85
C HIS B 207 3.21 -2.03 14.45
N ALA B 208 4.39 -1.83 13.85
CA ALA B 208 4.64 -2.39 12.53
C ALA B 208 4.56 -3.94 12.60
N ASN B 209 3.91 -4.47 11.60
CA ASN B 209 3.24 -5.78 11.66
C ASN B 209 2.97 -6.45 13.10
N GLN C 16 -13.00 -19.36 5.83
CA GLN C 16 -12.40 -20.67 5.43
C GLN C 16 -10.88 -20.61 5.60
N TYR C 17 -10.20 -21.74 5.84
CA TYR C 17 -8.74 -21.72 6.06
C TYR C 17 -8.06 -23.04 5.85
N ILE C 18 -6.74 -22.96 5.69
CA ILE C 18 -5.90 -24.12 5.41
C ILE C 18 -5.60 -24.85 6.74
N ILE C 19 -6.02 -26.10 6.83
CA ILE C 19 -5.71 -26.97 8.01
C ILE C 19 -4.35 -27.69 7.87
N SER C 20 -4.01 -28.23 6.70
CA SER C 20 -2.72 -28.92 6.51
C SER C 20 -2.39 -29.13 5.03
N GLU C 21 -1.09 -29.31 4.76
CA GLU C 21 -0.58 -29.57 3.41
C GLU C 21 0.24 -30.85 3.47
N GLU C 22 -0.36 -31.97 3.05
CA GLU C 22 0.27 -33.26 3.11
C GLU C 22 0.94 -33.52 1.74
N LEU C 23 2.23 -33.87 1.76
CA LEU C 23 2.99 -34.10 0.56
C LEU C 23 2.55 -35.40 -0.16
N ILE C 24 2.36 -35.34 -1.49
CA ILE C 24 1.99 -36.49 -2.35
C ILE C 24 3.18 -36.90 -3.21
N SER C 25 3.90 -35.95 -3.82
CA SER C 25 5.12 -36.25 -4.62
C SER C 25 5.87 -34.99 -5.02
N GLU C 26 7.19 -34.98 -4.84
CA GLU C 26 8.03 -33.82 -5.17
C GLU C 26 8.99 -34.24 -6.22
N GLY C 27 8.99 -33.55 -7.36
CA GLY C 27 10.07 -33.62 -8.30
C GLY C 27 11.10 -32.58 -8.02
N LYS C 28 12.04 -32.43 -8.96
CA LYS C 28 13.00 -31.32 -8.93
C LYS C 28 12.34 -29.93 -9.07
N TRP C 29 11.31 -29.81 -9.92
CA TRP C 29 10.72 -28.48 -10.23
C TRP C 29 9.31 -28.22 -9.78
N VAL C 30 8.53 -29.27 -9.49
CA VAL C 30 7.12 -29.13 -9.07
C VAL C 30 6.72 -30.19 -8.03
N LYS C 31 5.72 -29.88 -7.19
CA LYS C 31 5.32 -30.74 -6.08
C LYS C 31 3.79 -30.88 -6.14
N LEU C 32 3.27 -32.06 -5.88
CA LEU C 32 1.84 -32.24 -5.75
C LEU C 32 1.55 -32.39 -4.25
N GLU C 33 0.46 -31.79 -3.75
CA GLU C 33 0.05 -31.89 -2.34
C GLU C 33 -1.41 -32.21 -2.12
N LYS C 34 -1.73 -32.79 -0.95
CA LYS C 34 -3.12 -33.00 -0.50
C LYS C 34 -3.36 -31.91 0.49
N THR C 35 -4.34 -31.04 0.20
CA THR C 35 -4.62 -29.83 1.00
C THR C 35 -5.86 -30.16 1.84
N THR C 36 -5.83 -29.88 3.13
CA THR C 36 -7.04 -30.09 3.96
C THR C 36 -7.52 -28.74 4.48
N TYR C 37 -8.81 -28.43 4.36
CA TYR C 37 -9.28 -27.06 4.65
C TYR C 37 -10.66 -27.11 5.29
N MET C 38 -11.02 -26.04 6.00
CA MET C 38 -12.35 -25.92 6.65
C MET C 38 -13.21 -25.09 5.73
N ASP C 39 -14.37 -25.61 5.37
CA ASP C 39 -15.23 -24.93 4.40
C ASP C 39 -15.98 -23.87 5.14
N PRO C 40 -16.80 -23.08 4.38
CA PRO C 40 -17.48 -21.93 4.95
C PRO C 40 -18.50 -22.27 6.08
N THR C 41 -19.12 -23.46 6.01
CA THR C 41 -20.14 -23.89 6.98
C THR C 41 -19.62 -24.72 8.18
N GLY C 42 -18.31 -24.98 8.26
CA GLY C 42 -17.74 -25.83 9.33
C GLY C 42 -17.25 -27.23 8.91
N LYS C 43 -17.74 -27.75 7.79
CA LYS C 43 -17.31 -29.06 7.26
C LYS C 43 -15.85 -29.05 6.80
N THR C 44 -15.20 -30.19 6.98
CA THR C 44 -13.75 -30.32 6.78
C THR C 44 -13.60 -30.95 5.38
N ARG C 45 -12.75 -30.39 4.51
CA ARG C 45 -12.67 -30.87 3.14
C ARG C 45 -11.25 -30.99 2.64
N THR C 46 -11.09 -31.58 1.45
CA THR C 46 -9.75 -31.86 0.89
C THR C 46 -9.63 -31.40 -0.57
N TRP C 47 -8.41 -31.26 -1.07
CA TRP C 47 -8.15 -30.73 -2.44
C TRP C 47 -6.76 -31.17 -2.86
N GLU C 48 -6.55 -31.46 -4.14
CA GLU C 48 -5.23 -31.79 -4.67
C GLU C 48 -4.63 -30.48 -5.27
N SER C 49 -3.51 -30.06 -4.73
CA SER C 49 -2.89 -28.76 -5.01
C SER C 49 -1.51 -28.93 -5.55
N VAL C 50 -1.17 -28.11 -6.53
CA VAL C 50 0.12 -28.11 -7.13
C VAL C 50 0.90 -26.87 -6.71
N LYS C 51 2.21 -27.04 -6.49
CA LYS C 51 3.09 -25.93 -6.17
C LYS C 51 4.45 -26.13 -6.84
N ARG C 52 5.14 -25.05 -7.19
CA ARG C 52 6.49 -25.13 -7.71
C ARG C 52 7.40 -25.15 -6.51
N THR C 53 8.62 -25.64 -6.71
CA THR C 53 9.62 -25.76 -5.62
C THR C 53 10.73 -24.71 -5.73
N THR C 54 10.61 -23.82 -6.71
CA THR C 54 11.56 -22.76 -7.02
C THR C 54 11.29 -21.38 -6.33
N ARG C 55 10.19 -21.27 -5.57
CA ARG C 55 9.64 -20.00 -5.13
C ARG C 55 10.21 -19.57 -3.79
N LYS C 56 10.99 -18.49 -3.81
CA LYS C 56 11.40 -17.78 -2.59
C LYS C 56 10.17 -17.30 -1.81
N GLN C 58 10.07 -14.50 -2.06
CA GLN C 58 9.77 -13.74 -3.26
C GLN C 58 8.29 -13.45 -3.31
N THR C 59 7.99 -12.43 -4.11
CA THR C 59 6.63 -11.91 -4.35
C THR C 59 5.70 -12.96 -4.96
N ALA C 60 6.31 -13.71 -5.87
CA ALA C 60 5.64 -14.52 -6.83
C ALA C 60 6.64 -15.42 -7.45
N ASP C 61 6.12 -16.43 -8.16
CA ASP C 61 6.97 -17.31 -8.92
C ASP C 61 7.59 -16.56 -10.05
N GLY C 62 6.83 -15.69 -10.72
CA GLY C 62 7.36 -15.24 -12.01
C GLY C 62 6.81 -13.92 -12.45
N VAL C 63 7.19 -13.58 -13.66
CA VAL C 63 6.73 -12.38 -14.32
C VAL C 63 6.29 -12.72 -15.74
N ALA C 64 5.29 -11.99 -16.21
CA ALA C 64 4.91 -11.97 -17.61
C ALA C 64 4.97 -10.55 -18.03
N VAL C 65 5.47 -10.31 -19.21
CA VAL C 65 5.74 -8.99 -19.68
C VAL C 65 4.77 -8.70 -20.79
N ILE C 66 4.05 -7.57 -20.67
CA ILE C 66 3.25 -7.10 -21.74
C ILE C 66 4.10 -6.04 -22.47
N PRO C 67 4.68 -6.39 -23.66
CA PRO C 67 5.70 -5.51 -24.29
C PRO C 67 5.10 -4.77 -25.43
N VAL C 68 4.94 -3.49 -25.21
CA VAL C 68 4.26 -2.63 -26.16
C VAL C 68 5.32 -1.93 -26.99
N LEU C 69 5.38 -2.33 -28.26
CA LEU C 69 6.35 -1.78 -29.25
C LEU C 69 5.82 -0.53 -29.83
N GLN C 70 6.46 0.57 -29.49
CA GLN C 70 5.98 1.90 -29.85
C GLN C 70 6.89 2.53 -30.93
N ARG C 71 6.32 2.98 -32.04
CA ARG C 71 7.09 3.60 -33.15
C ARG C 71 6.35 4.75 -33.75
N THR C 72 7.07 5.82 -34.12
CA THR C 72 6.49 7.10 -34.54
C THR C 72 5.50 6.95 -35.64
N LEU C 73 5.85 6.06 -36.56
CA LEU C 73 5.06 5.94 -37.78
C LEU C 73 3.92 4.92 -37.77
N HIS C 74 3.85 4.12 -36.72
CA HIS C 74 2.99 2.97 -36.69
C HIS C 74 2.07 2.96 -35.47
N TYR C 75 1.01 2.22 -35.63
CA TYR C 75 0.27 1.70 -34.49
C TYR C 75 1.16 0.80 -33.61
N GLU C 76 0.82 0.75 -32.32
CA GLU C 76 1.55 -0.14 -31.39
C GLU C 76 1.37 -1.59 -31.76
N CYS C 77 2.40 -2.37 -31.44
CA CYS C 77 2.33 -3.81 -31.49
C CYS C 77 2.59 -4.37 -30.13
N ILE C 78 2.03 -5.56 -29.91
CA ILE C 78 2.33 -6.33 -28.76
C ILE C 78 3.31 -7.42 -29.09
N VAL C 79 4.38 -7.56 -28.32
CA VAL C 79 5.45 -8.50 -28.71
C VAL C 79 5.20 -9.77 -27.93
N LEU C 80 5.06 -10.89 -28.66
CA LEU C 80 4.81 -12.14 -28.05
C LEU C 80 5.88 -13.11 -28.47
N VAL C 81 5.89 -14.23 -27.79
CA VAL C 81 6.78 -15.32 -28.12
C VAL C 81 6.07 -16.61 -28.37
N LYS C 82 6.64 -17.38 -29.29
CA LYS C 82 6.21 -18.73 -29.58
C LYS C 82 7.30 -19.67 -29.18
N GLN C 83 6.93 -20.65 -28.37
CA GLN C 83 7.83 -21.69 -27.97
C GLN C 83 7.17 -23.03 -27.79
N PHE C 84 8.00 -24.07 -27.86
CA PHE C 84 7.49 -25.40 -27.64
C PHE C 84 7.35 -25.65 -26.16
N ARG C 85 6.24 -26.19 -25.72
CA ARG C 85 5.96 -26.32 -24.31
C ARG C 85 5.66 -27.77 -24.00
N PRO C 86 6.60 -28.48 -23.33
CA PRO C 86 6.40 -29.91 -23.10
C PRO C 86 5.10 -30.32 -22.43
N PRO C 87 4.64 -29.60 -21.39
CA PRO C 87 3.43 -30.06 -20.79
C PRO C 87 2.23 -30.02 -21.78
N MET C 88 2.27 -29.08 -22.73
CA MET C 88 1.24 -28.96 -23.75
C MET C 88 1.44 -29.89 -24.95
N GLY C 89 2.65 -30.37 -25.19
CA GLY C 89 2.92 -31.24 -26.34
C GLY C 89 2.98 -30.49 -27.63
N GLY C 90 3.20 -29.18 -27.55
CA GLY C 90 3.07 -28.37 -28.72
C GLY C 90 3.50 -26.96 -28.45
N TYR C 91 3.36 -26.14 -29.48
CA TYR C 91 3.75 -24.77 -29.49
C TYR C 91 2.70 -23.92 -28.86
N CYS C 92 3.16 -22.86 -28.18
CA CYS C 92 2.25 -21.88 -27.53
C CYS C 92 2.69 -20.47 -27.79
N ILE C 93 1.73 -19.54 -27.91
CA ILE C 93 1.98 -18.15 -28.09
C ILE C 93 1.65 -17.45 -26.73
N GLU C 94 2.66 -16.79 -26.18
CA GLU C 94 2.63 -16.23 -24.80
C GLU C 94 3.27 -14.89 -24.71
N PHE C 95 2.97 -14.17 -23.62
CA PHE C 95 3.80 -13.05 -23.24
C PHE C 95 5.19 -13.57 -22.83
N PRO C 96 6.26 -12.80 -23.19
CA PRO C 96 7.58 -13.12 -22.64
C PRO C 96 7.39 -13.22 -21.14
N ALA C 97 8.03 -14.23 -20.56
CA ALA C 97 7.88 -14.56 -19.19
C ALA C 97 9.03 -15.40 -18.66
N GLY C 98 9.18 -15.39 -17.35
CA GLY C 98 10.13 -16.29 -16.70
C GLY C 98 10.06 -16.19 -15.19
N LEU C 99 10.80 -17.03 -14.51
CA LEU C 99 10.93 -16.96 -13.04
C LEU C 99 11.73 -15.76 -12.54
N ILE C 100 11.33 -15.21 -11.40
CA ILE C 100 12.09 -14.12 -10.75
C ILE C 100 13.32 -14.73 -10.02
N ASP C 101 14.54 -14.23 -10.29
CA ASP C 101 15.77 -14.73 -9.60
C ASP C 101 15.71 -14.28 -8.14
N ASP C 102 16.35 -15.03 -7.22
CA ASP C 102 16.37 -14.62 -5.79
C ASP C 102 17.07 -13.28 -5.72
N GLY C 103 16.46 -12.32 -5.03
CA GLY C 103 17.08 -11.00 -4.87
C GLY C 103 16.70 -10.00 -5.93
N GLU C 104 16.04 -10.48 -7.02
CA GLU C 104 15.65 -9.68 -8.21
C GLU C 104 14.29 -9.03 -8.02
N THR C 105 14.14 -7.77 -8.33
CA THR C 105 12.80 -7.22 -8.34
C THR C 105 11.95 -7.75 -9.56
N PRO C 106 10.61 -7.77 -9.45
CA PRO C 106 9.81 -8.16 -10.63
C PRO C 106 10.15 -7.31 -11.82
N GLU C 107 10.37 -6.01 -11.57
CA GLU C 107 10.67 -5.11 -12.64
C GLU C 107 11.96 -5.50 -13.39
N ALA C 108 12.97 -5.96 -12.66
CA ALA C 108 14.29 -6.16 -13.22
C ALA C 108 14.15 -7.48 -13.97
N ALA C 109 13.45 -8.42 -13.37
CA ALA C 109 13.13 -9.70 -14.07
C ALA C 109 12.41 -9.49 -15.39
N ALA C 110 11.54 -8.49 -15.46
CA ALA C 110 10.74 -8.32 -16.63
C ALA C 110 11.62 -7.80 -17.76
N LEU C 111 12.46 -6.82 -17.43
CA LEU C 111 13.36 -6.25 -18.42
C LEU C 111 14.36 -7.27 -18.92
N ARG C 112 14.88 -8.04 -17.99
CA ARG C 112 15.82 -9.14 -18.31
C ARG C 112 15.20 -10.21 -19.21
N GLU C 113 14.10 -10.78 -18.77
CA GLU C 113 13.40 -11.77 -19.57
C GLU C 113 13.03 -11.19 -20.92
N LEU C 114 12.61 -9.93 -20.93
CA LEU C 114 12.16 -9.38 -22.24
C LEU C 114 13.37 -9.33 -23.21
N GLU C 115 14.47 -8.75 -22.72
CA GLU C 115 15.70 -8.67 -23.56
C GLU C 115 16.20 -10.05 -24.03
N GLU C 116 16.29 -10.99 -23.11
CA GLU C 116 16.65 -12.36 -23.43
C GLU C 116 15.81 -13.05 -24.52
N GLU C 117 14.47 -12.93 -24.42
CA GLU C 117 13.57 -13.70 -25.23
C GLU C 117 13.32 -13.04 -26.56
N THR C 118 13.39 -11.72 -26.60
CA THR C 118 13.05 -11.00 -27.80
C THR C 118 14.17 -10.11 -28.36
N GLY C 119 15.21 -9.80 -27.57
CA GLY C 119 16.19 -8.77 -27.92
C GLY C 119 15.87 -7.29 -27.71
N TYR C 120 14.61 -6.99 -27.35
CA TYR C 120 14.21 -5.62 -27.12
C TYR C 120 14.64 -5.10 -25.76
N LYS C 121 15.07 -3.85 -25.78
CA LYS C 121 15.35 -3.13 -24.55
C LYS C 121 14.16 -2.16 -24.31
N GLY C 122 13.57 -2.31 -23.13
CA GLY C 122 12.29 -1.67 -22.78
C GLY C 122 12.44 -0.83 -21.54
N ASP C 123 11.36 -0.11 -21.22
CA ASP C 123 11.23 0.75 -20.07
C ASP C 123 9.94 0.32 -19.31
N ILE C 124 10.04 0.21 -17.99
CA ILE C 124 8.92 -0.24 -17.21
C ILE C 124 7.84 0.80 -17.29
N ALA C 125 6.61 0.36 -17.58
CA ALA C 125 5.44 1.25 -17.46
C ALA C 125 4.61 1.05 -16.20
N GLU C 126 4.38 -0.18 -15.82
CA GLU C 126 3.45 -0.48 -14.68
C GLU C 126 3.73 -1.91 -14.28
N CYS C 127 3.48 -2.25 -13.00
CA CYS C 127 3.71 -3.59 -12.51
C CYS C 127 2.54 -3.94 -11.62
N SER C 128 1.90 -5.07 -11.88
CA SER C 128 0.70 -5.51 -11.12
C SER C 128 1.12 -6.04 -9.80
N PRO C 129 0.17 -6.24 -8.90
CA PRO C 129 0.47 -7.06 -7.75
C PRO C 129 0.56 -8.55 -8.18
N ALA C 130 0.92 -9.40 -7.26
CA ALA C 130 0.97 -10.84 -7.55
C ALA C 130 -0.44 -11.36 -7.90
N VAL C 131 -0.57 -11.99 -9.09
CA VAL C 131 -1.89 -12.47 -9.59
C VAL C 131 -1.77 -13.99 -9.90
N CYS C 132 -2.83 -14.73 -9.64
CA CYS C 132 -2.81 -16.17 -9.63
C CYS C 132 -3.03 -16.70 -11.06
N MET C 133 -2.35 -17.78 -11.34
CA MET C 133 -2.39 -18.39 -12.68
C MET C 133 -3.52 -19.35 -12.90
N ASP C 134 -3.80 -20.20 -11.92
CA ASP C 134 -4.76 -21.24 -12.10
C ASP C 134 -5.15 -21.70 -10.70
N PRO C 135 -5.89 -20.83 -10.00
CA PRO C 135 -6.01 -21.00 -8.54
C PRO C 135 -6.80 -22.22 -8.05
N GLY C 136 -7.65 -22.82 -8.89
CA GLY C 136 -8.27 -24.14 -8.58
C GLY C 136 -7.26 -25.30 -8.55
N LEU C 137 -6.10 -25.09 -9.12
CA LEU C 137 -5.09 -26.10 -9.34
C LEU C 137 -3.78 -25.84 -8.66
N SER C 138 -3.24 -24.63 -8.75
CA SER C 138 -1.94 -24.34 -8.23
C SER C 138 -1.94 -23.03 -7.42
N ASN C 139 -0.84 -22.83 -6.68
CA ASN C 139 -0.59 -21.56 -5.97
C ASN C 139 0.25 -20.60 -6.82
N CYS C 140 0.46 -20.93 -8.07
CA CYS C 140 1.40 -20.18 -8.91
C CYS C 140 0.92 -18.74 -9.13
N THR C 141 1.84 -17.81 -8.94
CA THR C 141 1.55 -16.36 -9.13
C THR C 141 2.63 -15.70 -10.00
N ILE C 142 2.21 -14.61 -10.61
CA ILE C 142 3.10 -13.77 -11.35
C ILE C 142 2.78 -12.33 -11.06
N HIS C 143 3.74 -11.45 -11.43
CA HIS C 143 3.45 -10.08 -11.67
C HIS C 143 3.36 -9.92 -13.18
N ILE C 144 2.35 -9.18 -13.60
CA ILE C 144 2.20 -8.75 -14.95
C ILE C 144 2.82 -7.37 -15.04
N VAL C 145 3.91 -7.27 -15.80
CA VAL C 145 4.62 -6.02 -15.93
C VAL C 145 4.48 -5.48 -17.33
N THR C 146 3.87 -4.32 -17.42
CA THR C 146 3.76 -3.65 -18.68
C THR C 146 5.06 -2.90 -19.01
N VAL C 147 5.63 -3.14 -20.22
CA VAL C 147 6.94 -2.55 -20.59
C VAL C 147 6.80 -1.87 -21.94
N THR C 148 7.21 -0.62 -22.10
CA THR C 148 7.15 0.07 -23.43
C THR C 148 8.52 -0.15 -24.08
N ILE C 149 8.54 -0.35 -25.38
CA ILE C 149 9.76 -0.48 -26.19
C ILE C 149 9.79 0.65 -27.18
N ASN C 150 10.80 1.53 -27.13
CA ASN C 150 11.02 2.54 -28.18
C ASN C 150 11.58 1.86 -29.40
N GLY C 151 10.69 1.56 -30.31
CA GLY C 151 11.05 0.89 -31.56
C GLY C 151 11.77 1.71 -32.59
N ASP C 152 11.93 3.00 -32.33
CA ASP C 152 12.62 3.92 -33.20
C ASP C 152 14.01 4.18 -32.69
N ASP C 153 14.34 3.72 -31.50
CA ASP C 153 15.68 3.93 -30.99
C ASP C 153 16.58 2.99 -31.79
N ALA C 154 17.75 3.50 -32.19
CA ALA C 154 18.68 2.72 -32.95
C ALA C 154 19.06 1.44 -32.18
N GLU C 155 19.15 1.51 -30.85
CA GLU C 155 19.40 0.31 -30.03
C GLU C 155 18.35 -0.81 -30.16
N ASN C 156 17.13 -0.52 -30.64
CA ASN C 156 16.14 -1.55 -30.87
C ASN C 156 15.97 -1.91 -32.35
N ALA C 157 16.90 -1.46 -33.21
CA ALA C 157 16.80 -1.68 -34.66
C ALA C 157 16.89 -3.15 -35.05
N ARG C 158 17.89 -3.84 -34.51
CA ARG C 158 18.14 -5.24 -34.83
C ARG C 158 18.25 -6.04 -33.57
N PRO C 159 17.15 -6.17 -32.82
CA PRO C 159 17.19 -6.90 -31.55
C PRO C 159 17.35 -8.39 -31.79
N LYS C 160 18.09 -9.06 -30.91
CA LYS C 160 18.40 -10.48 -31.06
C LYS C 160 18.18 -11.15 -29.77
N PRO C 161 17.23 -12.09 -29.67
CA PRO C 161 17.11 -12.81 -28.42
C PRO C 161 18.50 -13.28 -27.99
N LYS C 162 18.86 -13.12 -26.72
CA LYS C 162 20.01 -13.84 -26.14
C LYS C 162 19.43 -14.98 -25.29
N PRO C 163 18.99 -16.09 -25.91
CA PRO C 163 18.29 -17.10 -25.10
C PRO C 163 19.25 -17.98 -24.32
N GLY C 164 18.78 -18.59 -23.24
CA GLY C 164 19.57 -19.60 -22.52
C GLY C 164 19.72 -20.86 -23.35
N ASP C 165 20.77 -21.66 -23.06
CA ASP C 165 20.84 -23.09 -23.49
C ASP C 165 19.52 -23.82 -23.20
N GLY C 166 19.03 -24.57 -24.19
CA GLY C 166 17.72 -25.19 -24.05
C GLY C 166 16.51 -24.24 -24.19
N GLU C 167 16.70 -22.92 -24.34
CA GLU C 167 15.59 -21.99 -24.64
C GLU C 167 15.55 -21.73 -26.14
N PHE C 168 14.40 -22.03 -26.75
CA PHE C 168 14.23 -21.82 -28.17
C PHE C 168 12.96 -20.97 -28.39
N VAL C 169 13.10 -19.75 -28.85
CA VAL C 169 12.01 -18.78 -28.84
C VAL C 169 11.96 -17.98 -30.08
N GLU C 170 10.78 -17.97 -30.72
CA GLU C 170 10.53 -17.14 -31.90
C GLU C 170 9.65 -15.96 -31.44
N VAL C 171 9.87 -14.82 -32.03
CA VAL C 171 9.26 -13.56 -31.63
C VAL C 171 8.24 -13.24 -32.69
N ILE C 172 7.02 -12.98 -32.25
CA ILE C 172 5.92 -12.53 -33.12
C ILE C 172 5.40 -11.22 -32.50
N SER C 173 5.44 -10.12 -33.24
CA SER C 173 4.79 -8.84 -32.90
C SER C 173 3.50 -8.64 -33.67
N LEU C 174 2.40 -8.45 -32.93
CA LEU C 174 1.10 -8.25 -33.57
C LEU C 174 0.53 -6.88 -33.23
N PRO C 175 -0.22 -6.23 -34.16
CA PRO C 175 -0.79 -4.92 -33.90
C PRO C 175 -1.79 -4.96 -32.74
N LYS C 176 -1.65 -4.04 -31.78
CA LYS C 176 -2.52 -4.02 -30.64
C LYS C 176 -3.94 -3.83 -31.08
N ASN C 177 -4.12 -3.01 -32.12
CA ASN C 177 -5.47 -2.71 -32.64
C ASN C 177 -6.09 -3.79 -33.51
N ASP C 178 -5.46 -4.93 -33.65
CA ASP C 178 -6.13 -6.09 -34.32
C ASP C 178 -5.71 -7.39 -33.65
N LEU C 179 -5.41 -7.34 -32.33
CA LEU C 179 -4.72 -8.43 -31.69
C LEU C 179 -5.51 -9.74 -31.82
N LEU C 180 -6.80 -9.71 -31.51
CA LEU C 180 -7.56 -10.92 -31.38
C LEU C 180 -7.68 -11.61 -32.75
N GLN C 181 -8.01 -10.83 -33.80
CA GLN C 181 -8.11 -11.36 -35.19
C GLN C 181 -6.82 -11.99 -35.61
N ARG C 182 -5.74 -11.33 -35.31
CA ARG C 182 -4.44 -11.86 -35.71
C ARG C 182 -4.06 -13.10 -34.96
N LEU C 183 -4.43 -13.19 -33.67
CA LEU C 183 -4.24 -14.42 -32.94
C LEU C 183 -5.13 -15.55 -33.49
N ASP C 184 -6.42 -15.25 -33.65
CA ASP C 184 -7.36 -16.19 -34.24
C ASP C 184 -6.77 -16.66 -35.58
N ALA C 185 -6.17 -15.76 -36.34
CA ALA C 185 -5.58 -16.19 -37.61
C ALA C 185 -4.40 -17.17 -37.46
N LEU C 186 -3.53 -16.99 -36.47
CA LEU C 186 -2.42 -17.95 -36.23
C LEU C 186 -2.83 -19.33 -35.83
N VAL C 187 -3.82 -19.39 -34.95
CA VAL C 187 -4.44 -20.61 -34.49
C VAL C 187 -5.01 -21.36 -35.71
N ALA C 188 -5.58 -20.62 -36.67
CA ALA C 188 -6.19 -21.20 -37.85
C ALA C 188 -5.14 -21.76 -38.78
N GLU C 189 -4.05 -21.03 -38.94
CA GLU C 189 -3.02 -21.41 -39.89
C GLU C 189 -2.14 -22.56 -39.37
N GLU C 190 -1.99 -22.71 -38.05
CA GLU C 190 -1.04 -23.67 -37.43
C GLU C 190 -1.63 -24.38 -36.25
N HIS C 191 -1.07 -25.49 -35.81
CA HIS C 191 -1.49 -25.97 -34.49
C HIS C 191 -0.62 -25.33 -33.44
N LEU C 192 -1.13 -24.24 -32.91
CA LEU C 192 -0.58 -23.66 -31.73
C LEU C 192 -1.69 -23.22 -30.78
N THR C 193 -1.31 -23.02 -29.54
CA THR C 193 -2.23 -22.66 -28.47
C THR C 193 -1.85 -21.26 -27.94
N VAL C 194 -2.85 -20.37 -27.85
CA VAL C 194 -2.66 -19.05 -27.31
C VAL C 194 -2.82 -19.16 -25.79
N ASP C 195 -1.94 -18.47 -25.09
CA ASP C 195 -1.99 -18.40 -23.62
C ASP C 195 -3.28 -17.70 -23.18
N ALA C 196 -3.85 -18.16 -22.10
CA ALA C 196 -5.16 -17.59 -21.64
C ALA C 196 -5.04 -16.11 -21.21
N ARG C 197 -3.91 -15.70 -20.66
CA ARG C 197 -3.71 -14.27 -20.38
C ARG C 197 -3.58 -13.42 -21.62
N VAL C 198 -2.86 -13.91 -22.64
CA VAL C 198 -2.76 -13.22 -23.88
C VAL C 198 -4.19 -13.05 -24.49
N TYR C 199 -4.94 -14.13 -24.53
CA TYR C 199 -6.27 -14.12 -25.11
C TYR C 199 -7.20 -13.17 -24.39
N SER C 200 -7.17 -13.16 -23.07
CA SER C 200 -8.01 -12.27 -22.24
C SER C 200 -7.66 -10.86 -22.51
N TYR C 201 -6.35 -10.57 -22.62
CA TYR C 201 -5.89 -9.23 -22.99
C TYR C 201 -6.44 -8.83 -24.37
N ALA C 202 -6.36 -9.74 -25.32
CA ALA C 202 -6.78 -9.44 -26.70
C ALA C 202 -8.28 -9.16 -26.72
N LEU C 203 -9.01 -9.93 -25.93
CA LEU C 203 -10.45 -9.79 -25.89
C LEU C 203 -10.81 -8.40 -25.35
N ALA C 204 -10.22 -8.04 -24.23
CA ALA C 204 -10.51 -6.72 -23.64
C ALA C 204 -10.21 -5.56 -24.62
N LEU C 205 -9.13 -5.68 -25.38
CA LEU C 205 -8.77 -4.67 -26.35
C LEU C 205 -9.96 -4.51 -27.35
N LYS C 206 -10.47 -5.62 -27.81
CA LYS C 206 -11.63 -5.64 -28.74
C LYS C 206 -12.89 -5.06 -28.10
N HIS C 207 -13.15 -5.43 -26.85
CA HIS C 207 -14.35 -4.98 -26.14
C HIS C 207 -14.36 -3.55 -25.68
N ALA C 208 -13.19 -2.92 -25.56
CA ALA C 208 -13.10 -1.60 -24.95
C ALA C 208 -13.84 -0.51 -25.74
N LYS D 15 8.45 -29.15 -34.93
CA LYS D 15 9.90 -29.40 -35.19
C LYS D 15 10.53 -30.01 -33.95
N GLN D 16 10.06 -29.60 -32.77
CA GLN D 16 10.33 -30.32 -31.54
C GLN D 16 9.22 -31.32 -31.31
N TYR D 17 9.53 -32.41 -30.64
CA TYR D 17 8.54 -33.46 -30.51
C TYR D 17 8.57 -34.01 -29.11
N ILE D 18 7.43 -34.49 -28.67
CA ILE D 18 7.33 -35.33 -27.43
C ILE D 18 7.78 -36.76 -27.81
N ILE D 19 8.76 -37.28 -27.09
CA ILE D 19 9.30 -38.64 -27.25
C ILE D 19 8.55 -39.60 -26.29
N SER D 20 8.33 -39.21 -25.04
CA SER D 20 7.60 -40.09 -24.08
C SER D 20 7.12 -39.40 -22.85
N GLU D 21 6.15 -40.03 -22.18
CA GLU D 21 5.51 -39.49 -20.98
C GLU D 21 5.44 -40.51 -19.82
N GLU D 22 6.31 -40.36 -18.84
CA GLU D 22 6.36 -41.26 -17.68
C GLU D 22 5.50 -40.72 -16.55
N LEU D 23 4.47 -41.47 -16.15
CA LEU D 23 3.68 -41.13 -14.97
C LEU D 23 4.62 -41.11 -13.77
N ILE D 24 4.56 -40.05 -12.97
CA ILE D 24 5.26 -40.01 -11.66
C ILE D 24 4.32 -40.30 -10.52
N SER D 25 3.11 -39.77 -10.57
CA SER D 25 2.18 -39.86 -9.44
C SER D 25 0.82 -39.30 -9.90
N GLU D 26 -0.24 -40.05 -9.58
CA GLU D 26 -1.61 -39.81 -10.05
C GLU D 26 -2.51 -39.78 -8.84
N GLY D 27 -3.27 -38.71 -8.65
CA GLY D 27 -4.25 -38.58 -7.53
C GLY D 27 -5.65 -38.58 -8.11
N LYS D 28 -6.64 -38.20 -7.33
CA LYS D 28 -8.04 -38.26 -7.80
C LYS D 28 -8.33 -37.24 -8.92
N TRP D 29 -7.74 -36.04 -8.83
CA TRP D 29 -8.00 -34.95 -9.77
C TRP D 29 -6.82 -34.51 -10.65
N VAL D 30 -5.59 -34.78 -10.24
CA VAL D 30 -4.38 -34.24 -10.93
C VAL D 30 -3.25 -35.25 -10.90
N LYS D 31 -2.39 -35.22 -11.91
CA LYS D 31 -1.28 -36.15 -12.10
C LYS D 31 -0.02 -35.39 -12.44
N LEU D 32 1.12 -35.99 -12.15
CA LEU D 32 2.43 -35.46 -12.39
C LEU D 32 3.15 -36.43 -13.32
N GLU D 33 3.82 -35.92 -14.35
CA GLU D 33 4.50 -36.72 -15.36
C GLU D 33 5.86 -36.18 -15.61
N LYS D 34 6.77 -37.07 -15.98
CA LYS D 34 8.06 -36.70 -16.54
C LYS D 34 8.00 -36.82 -18.08
N THR D 35 8.15 -35.69 -18.75
CA THR D 35 8.03 -35.61 -20.19
C THR D 35 9.40 -35.63 -20.84
N THR D 36 9.59 -36.53 -21.80
CA THR D 36 10.79 -36.48 -22.61
C THR D 36 10.50 -35.92 -23.97
N TYR D 37 11.38 -35.05 -24.41
CA TYR D 37 11.15 -34.42 -25.69
C TYR D 37 12.47 -34.08 -26.37
N MET D 38 12.42 -33.72 -27.65
CA MET D 38 13.59 -33.36 -28.45
C MET D 38 13.57 -31.91 -28.84
N ASP D 39 14.64 -31.18 -28.51
CA ASP D 39 14.79 -29.77 -28.88
C ASP D 39 15.12 -29.65 -30.35
N PRO D 40 15.18 -28.41 -30.89
CA PRO D 40 15.29 -28.26 -32.35
C PRO D 40 16.56 -28.91 -32.95
N THR D 41 17.65 -28.91 -32.19
CA THR D 41 18.96 -29.44 -32.64
C THR D 41 19.08 -30.96 -32.56
N GLY D 42 18.03 -31.66 -32.13
CA GLY D 42 18.08 -33.10 -31.96
C GLY D 42 18.56 -33.59 -30.59
N LYS D 43 18.89 -32.70 -29.67
CA LYS D 43 19.14 -33.11 -28.27
C LYS D 43 17.90 -33.58 -27.46
N THR D 44 18.00 -34.72 -26.80
CA THR D 44 16.97 -35.15 -25.81
C THR D 44 17.06 -34.32 -24.55
N ARG D 45 15.88 -33.88 -24.06
CA ARG D 45 15.74 -33.17 -22.74
C ARG D 45 14.52 -33.65 -21.97
N THR D 46 14.41 -33.26 -20.71
CA THR D 46 13.15 -33.62 -20.00
C THR D 46 12.51 -32.42 -19.25
N TRP D 47 11.31 -32.64 -18.76
CA TRP D 47 10.43 -31.58 -18.22
C TRP D 47 9.43 -32.20 -17.27
N GLU D 48 9.06 -31.57 -16.17
CA GLU D 48 8.01 -32.12 -15.30
C GLU D 48 6.71 -31.33 -15.51
N SER D 49 5.60 -32.06 -15.60
CA SER D 49 4.34 -31.59 -16.15
C SER D 49 3.12 -32.09 -15.36
N VAL D 50 2.17 -31.20 -15.14
CA VAL D 50 0.95 -31.57 -14.43
C VAL D 50 -0.20 -31.63 -15.43
N LYS D 51 -1.09 -32.60 -15.23
CA LYS D 51 -2.32 -32.78 -16.06
C LYS D 51 -3.45 -33.11 -15.10
N ARG D 52 -4.68 -32.78 -15.50
CA ARG D 52 -5.87 -33.21 -14.77
C ARG D 52 -6.24 -34.59 -15.27
N THR D 53 -7.02 -35.32 -14.49
CA THR D 53 -7.41 -36.68 -14.83
C THR D 53 -8.88 -36.76 -15.18
N THR D 54 -9.47 -35.65 -15.63
CA THR D 54 -10.92 -35.55 -15.80
C THR D 54 -11.29 -34.98 -17.17
N ALA D 60 -11.25 -29.14 -24.19
CA ALA D 60 -10.53 -28.45 -23.13
C ALA D 60 -10.94 -28.94 -21.77
N ASP D 61 -10.17 -28.63 -20.73
CA ASP D 61 -10.60 -28.98 -19.38
C ASP D 61 -11.84 -28.20 -18.90
N GLY D 62 -11.87 -26.90 -19.19
CA GLY D 62 -12.86 -26.03 -18.58
C GLY D 62 -13.26 -24.87 -19.46
N VAL D 63 -14.12 -24.04 -18.86
CA VAL D 63 -14.47 -22.75 -19.42
C VAL D 63 -14.30 -21.69 -18.32
N ALA D 64 -14.07 -20.47 -18.79
CA ALA D 64 -14.14 -19.28 -17.94
C ALA D 64 -15.02 -18.34 -18.67
N VAL D 65 -15.85 -17.65 -17.92
CA VAL D 65 -16.85 -16.82 -18.56
C VAL D 65 -16.54 -15.34 -18.22
N ILE D 66 -16.54 -14.49 -19.23
CA ILE D 66 -16.42 -13.06 -19.05
C ILE D 66 -17.88 -12.51 -19.20
N PRO D 67 -18.54 -12.26 -18.09
CA PRO D 67 -19.94 -11.92 -18.12
C PRO D 67 -20.12 -10.32 -18.06
N VAL D 68 -20.67 -9.76 -19.12
CA VAL D 68 -20.86 -8.31 -19.34
C VAL D 68 -22.42 -8.05 -19.11
N LEU D 69 -22.72 -7.53 -17.96
CA LEU D 69 -24.09 -7.15 -17.53
C LEU D 69 -24.44 -5.80 -18.14
N GLN D 70 -25.31 -5.84 -19.16
CA GLN D 70 -25.72 -4.67 -19.91
C GLN D 70 -27.13 -4.21 -19.54
N ARG D 71 -27.27 -2.92 -19.27
CA ARG D 71 -28.56 -2.29 -18.96
C ARG D 71 -28.58 -0.93 -19.63
N THR D 72 -29.65 -0.66 -20.36
CA THR D 72 -29.75 0.58 -21.08
C THR D 72 -29.63 1.77 -20.11
N LEU D 73 -28.92 2.80 -20.59
CA LEU D 73 -28.68 3.97 -19.78
C LEU D 73 -27.77 3.76 -18.56
N HIS D 74 -27.03 2.63 -18.55
CA HIS D 74 -26.12 2.36 -17.45
C HIS D 74 -24.76 1.92 -18.06
N TYR D 75 -23.70 2.05 -17.31
CA TYR D 75 -22.39 1.46 -17.67
C TYR D 75 -22.49 -0.04 -17.59
N GLU D 76 -21.70 -0.73 -18.38
CA GLU D 76 -21.65 -2.19 -18.33
C GLU D 76 -20.88 -2.56 -17.13
N CYS D 77 -21.16 -3.74 -16.60
CA CYS D 77 -20.43 -4.30 -15.48
C CYS D 77 -19.88 -5.67 -15.88
N ILE D 78 -18.78 -6.06 -15.24
CA ILE D 78 -18.16 -7.38 -15.48
C ILE D 78 -18.44 -8.13 -14.17
N VAL D 79 -19.10 -9.25 -14.33
CA VAL D 79 -19.49 -10.01 -13.17
C VAL D 79 -18.38 -11.01 -12.81
N LEU D 80 -17.81 -10.88 -11.63
CA LEU D 80 -16.76 -11.73 -11.18
C LEU D 80 -17.25 -12.53 -10.01
N VAL D 81 -16.46 -13.53 -9.58
CA VAL D 81 -16.69 -14.27 -8.39
C VAL D 81 -15.54 -14.34 -7.44
N LYS D 82 -15.83 -14.42 -6.14
CA LYS D 82 -14.83 -14.55 -5.09
C LYS D 82 -15.07 -15.85 -4.35
N GLN D 83 -14.00 -16.56 -4.01
CA GLN D 83 -14.11 -17.88 -3.38
C GLN D 83 -12.78 -18.28 -2.82
N PHE D 84 -12.81 -19.16 -1.81
CA PHE D 84 -11.60 -19.70 -1.21
C PHE D 84 -11.00 -20.75 -2.17
N ARG D 85 -9.69 -20.61 -2.46
CA ARG D 85 -8.98 -21.54 -3.32
C ARG D 85 -7.95 -22.29 -2.48
N PRO D 86 -8.26 -23.55 -2.13
CA PRO D 86 -7.28 -24.31 -1.36
C PRO D 86 -5.88 -24.26 -1.86
N PRO D 87 -5.62 -24.40 -3.20
CA PRO D 87 -4.24 -24.32 -3.59
C PRO D 87 -3.54 -22.94 -3.28
N MET D 88 -4.30 -21.85 -3.28
CA MET D 88 -3.79 -20.49 -2.98
C MET D 88 -3.79 -20.22 -1.50
N GLY D 89 -4.46 -21.07 -0.72
CA GLY D 89 -4.59 -20.78 0.67
C GLY D 89 -5.33 -19.47 0.95
N GLY D 90 -6.22 -19.07 0.05
CA GLY D 90 -6.91 -17.82 0.28
C GLY D 90 -7.95 -17.60 -0.74
N TYR D 91 -8.58 -16.45 -0.63
CA TYR D 91 -9.66 -16.06 -1.46
C TYR D 91 -9.15 -15.42 -2.76
N CYS D 92 -9.84 -15.67 -3.90
CA CYS D 92 -9.34 -15.23 -5.20
C CYS D 92 -10.52 -14.63 -5.87
N ILE D 93 -10.27 -13.60 -6.65
CA ILE D 93 -11.32 -13.03 -7.49
C ILE D 93 -11.11 -13.46 -8.89
N GLU D 94 -12.14 -14.04 -9.53
CA GLU D 94 -11.99 -14.73 -10.81
C GLU D 94 -13.16 -14.49 -11.64
N PHE D 95 -13.00 -14.74 -12.93
CA PHE D 95 -14.13 -14.90 -13.81
C PHE D 95 -14.85 -16.21 -13.37
N PRO D 96 -16.18 -16.26 -13.49
CA PRO D 96 -16.85 -17.54 -13.14
C PRO D 96 -16.40 -18.62 -14.14
N ALA D 97 -16.28 -19.83 -13.64
CA ALA D 97 -15.55 -20.86 -14.38
C ALA D 97 -15.96 -22.18 -13.81
N GLY D 98 -15.89 -23.20 -14.66
CA GLY D 98 -15.95 -24.58 -14.17
C GLY D 98 -15.53 -25.57 -15.20
N LEU D 99 -15.44 -26.86 -14.81
CA LEU D 99 -15.09 -27.90 -15.81
C LEU D 99 -16.28 -28.19 -16.74
N ILE D 100 -15.95 -28.59 -17.94
CA ILE D 100 -16.96 -28.90 -18.93
C ILE D 100 -17.36 -30.35 -18.64
N ASP D 101 -18.65 -30.62 -18.55
CA ASP D 101 -19.17 -31.98 -18.25
C ASP D 101 -19.04 -32.85 -19.51
N ASP D 102 -18.97 -34.18 -19.34
CA ASP D 102 -18.98 -35.13 -20.50
C ASP D 102 -20.12 -34.80 -21.44
N GLY D 103 -19.77 -34.58 -22.70
CA GLY D 103 -20.73 -34.33 -23.76
C GLY D 103 -21.37 -32.97 -23.86
N GLU D 104 -21.02 -32.06 -22.95
CA GLU D 104 -21.60 -30.72 -22.94
C GLU D 104 -20.69 -29.88 -23.80
N THR D 105 -21.22 -29.09 -24.72
CA THR D 105 -20.40 -28.13 -25.49
C THR D 105 -19.79 -27.02 -24.54
N PRO D 106 -18.70 -26.33 -24.97
CA PRO D 106 -18.13 -25.16 -24.17
C PRO D 106 -19.16 -24.06 -23.89
N GLU D 107 -19.88 -23.66 -24.94
CA GLU D 107 -20.93 -22.63 -24.82
C GLU D 107 -21.97 -23.00 -23.77
N ALA D 108 -22.38 -24.28 -23.71
CA ALA D 108 -23.46 -24.68 -22.81
C ALA D 108 -22.86 -24.73 -21.43
N ALA D 109 -21.62 -25.23 -21.30
CA ALA D 109 -21.01 -25.20 -19.97
C ALA D 109 -20.93 -23.74 -19.46
N ALA D 110 -20.68 -22.83 -20.37
CA ALA D 110 -20.48 -21.43 -19.99
C ALA D 110 -21.76 -20.86 -19.39
N LEU D 111 -22.87 -20.99 -20.13
CA LEU D 111 -24.20 -20.50 -19.61
C LEU D 111 -24.58 -21.21 -18.34
N ARG D 112 -24.24 -22.49 -18.26
CA ARG D 112 -24.61 -23.26 -17.08
C ARG D 112 -23.82 -22.80 -15.90
N GLU D 113 -22.51 -22.74 -16.09
CA GLU D 113 -21.68 -22.34 -14.97
C GLU D 113 -21.95 -20.84 -14.60
N LEU D 114 -22.23 -19.98 -15.54
CA LEU D 114 -22.58 -18.61 -15.17
C LEU D 114 -23.84 -18.56 -14.23
N GLU D 115 -24.90 -19.27 -14.60
CA GLU D 115 -26.09 -19.33 -13.75
C GLU D 115 -25.84 -20.00 -12.40
N GLU D 116 -25.16 -21.14 -12.38
CA GLU D 116 -24.82 -21.76 -11.10
C GLU D 116 -24.07 -20.81 -10.13
N GLU D 117 -23.12 -20.06 -10.69
CA GLU D 117 -22.23 -19.31 -9.82
C GLU D 117 -22.80 -17.91 -9.50
N THR D 118 -23.58 -17.37 -10.42
CA THR D 118 -24.06 -16.00 -10.30
C THR D 118 -25.57 -15.81 -10.30
N GLY D 119 -26.32 -16.76 -10.81
CA GLY D 119 -27.76 -16.59 -11.09
C GLY D 119 -28.07 -16.03 -12.45
N TYR D 120 -27.10 -15.41 -13.17
CA TYR D 120 -27.48 -14.77 -14.40
C TYR D 120 -27.71 -15.74 -15.54
N LYS D 121 -28.58 -15.30 -16.45
CA LYS D 121 -28.95 -15.97 -17.65
C LYS D 121 -28.42 -15.12 -18.78
N GLY D 122 -27.40 -15.63 -19.49
CA GLY D 122 -26.69 -14.86 -20.46
C GLY D 122 -26.92 -15.43 -21.81
N ASP D 123 -26.44 -14.70 -22.78
CA ASP D 123 -26.38 -15.02 -24.17
C ASP D 123 -24.92 -15.12 -24.61
N ILE D 124 -24.60 -16.13 -25.41
CA ILE D 124 -23.28 -16.30 -25.98
C ILE D 124 -22.95 -15.16 -26.94
N ALA D 125 -21.82 -14.48 -26.71
CA ALA D 125 -21.30 -13.49 -27.64
C ALA D 125 -20.19 -14.08 -28.46
N GLU D 126 -19.29 -14.83 -27.82
CA GLU D 126 -18.16 -15.46 -28.53
C GLU D 126 -17.49 -16.49 -27.64
N CYS D 127 -16.67 -17.31 -28.28
CA CYS D 127 -16.07 -18.44 -27.64
C CYS D 127 -14.69 -18.58 -28.25
N SER D 128 -13.67 -18.51 -27.41
CA SER D 128 -12.31 -18.74 -27.85
C SER D 128 -12.06 -20.23 -28.20
N PRO D 129 -11.04 -20.49 -29.00
CA PRO D 129 -10.50 -21.85 -29.03
C PRO D 129 -9.87 -22.17 -27.67
N ALA D 130 -9.39 -23.39 -27.47
CA ALA D 130 -8.86 -23.78 -26.16
C ALA D 130 -7.52 -23.07 -25.92
N VAL D 131 -7.40 -22.48 -24.73
CA VAL D 131 -6.25 -21.61 -24.43
C VAL D 131 -5.60 -22.23 -23.24
N CYS D 132 -4.26 -22.10 -23.12
CA CYS D 132 -3.49 -22.68 -22.03
C CYS D 132 -3.44 -21.89 -20.74
N MET D 133 -3.64 -22.59 -19.63
CA MET D 133 -3.71 -21.97 -18.33
C MET D 133 -2.33 -21.61 -17.78
N ASP D 134 -1.34 -22.48 -17.99
CA ASP D 134 0.00 -22.28 -17.48
C ASP D 134 0.93 -23.27 -18.17
N PRO D 135 1.31 -22.99 -19.45
CA PRO D 135 1.79 -24.04 -20.35
C PRO D 135 3.17 -24.52 -19.99
N GLY D 136 3.91 -23.69 -19.23
CA GLY D 136 5.23 -24.06 -18.64
C GLY D 136 5.12 -25.11 -17.51
N LEU D 137 3.92 -25.30 -17.00
CA LEU D 137 3.63 -26.20 -15.87
C LEU D 137 2.68 -27.32 -16.13
N SER D 138 1.64 -27.05 -16.89
CA SER D 138 0.51 -27.93 -16.97
C SER D 138 -0.02 -27.95 -18.42
N ASN D 139 -0.87 -28.93 -18.72
CA ASN D 139 -1.47 -29.05 -20.03
C ASN D 139 -2.86 -28.45 -20.00
N CYS D 140 -3.23 -27.77 -18.93
CA CYS D 140 -4.64 -27.43 -18.70
C CYS D 140 -5.03 -26.31 -19.62
N THR D 141 -6.28 -26.42 -20.12
CA THR D 141 -6.77 -25.48 -21.10
C THR D 141 -8.26 -25.19 -20.79
N ILE D 142 -8.71 -24.05 -21.29
CA ILE D 142 -10.09 -23.65 -21.16
C ILE D 142 -10.52 -22.99 -22.42
N HIS D 143 -11.86 -22.85 -22.55
CA HIS D 143 -12.38 -21.91 -23.52
C HIS D 143 -12.82 -20.68 -22.72
N ILE D 144 -12.48 -19.51 -23.21
CA ILE D 144 -12.92 -18.26 -22.60
C ILE D 144 -14.17 -17.83 -23.38
N VAL D 145 -15.32 -17.70 -22.67
CA VAL D 145 -16.59 -17.53 -23.36
C VAL D 145 -17.12 -16.18 -22.96
N THR D 146 -17.26 -15.28 -23.91
CA THR D 146 -17.79 -13.94 -23.61
C THR D 146 -19.35 -14.08 -23.68
N VAL D 147 -20.04 -13.60 -22.67
CA VAL D 147 -21.48 -13.78 -22.47
C VAL D 147 -22.12 -12.43 -22.09
N THR D 148 -23.08 -11.97 -22.88
CA THR D 148 -23.83 -10.72 -22.51
C THR D 148 -24.98 -11.08 -21.60
N ILE D 149 -25.25 -10.25 -20.60
CA ILE D 149 -26.34 -10.49 -19.68
C ILE D 149 -27.28 -9.31 -19.88
N ASN D 150 -28.50 -9.58 -20.38
CA ASN D 150 -29.49 -8.52 -20.58
C ASN D 150 -30.05 -8.25 -19.24
N GLY D 151 -29.47 -7.28 -18.55
CA GLY D 151 -29.90 -6.94 -17.22
C GLY D 151 -31.28 -6.21 -17.23
N ASP D 152 -31.79 -5.83 -18.40
CA ASP D 152 -33.19 -5.26 -18.52
C ASP D 152 -34.32 -6.34 -18.69
N ASP D 153 -33.97 -7.62 -18.59
CA ASP D 153 -34.95 -8.72 -18.50
C ASP D 153 -35.25 -9.07 -17.07
N ALA D 154 -36.54 -9.35 -16.81
CA ALA D 154 -36.98 -9.77 -15.47
C ALA D 154 -36.18 -10.95 -14.87
N GLU D 155 -35.85 -11.94 -15.69
CA GLU D 155 -35.11 -13.12 -15.23
C GLU D 155 -33.76 -12.75 -14.59
N ASN D 156 -33.17 -11.64 -15.07
CA ASN D 156 -31.94 -11.08 -14.48
C ASN D 156 -32.12 -9.99 -13.42
N ALA D 157 -33.35 -9.81 -12.92
CA ALA D 157 -33.61 -8.80 -11.89
C ALA D 157 -32.99 -9.18 -10.56
N ARG D 158 -33.40 -10.34 -10.02
CA ARG D 158 -33.01 -10.77 -8.67
C ARG D 158 -32.40 -12.17 -8.67
N PRO D 159 -31.27 -12.35 -9.37
CA PRO D 159 -30.66 -13.69 -9.53
C PRO D 159 -30.13 -14.37 -8.27
N LYS D 160 -30.46 -15.65 -8.11
CA LYS D 160 -29.93 -16.51 -7.03
C LYS D 160 -28.92 -17.54 -7.59
N PRO D 161 -27.69 -17.59 -7.06
CA PRO D 161 -26.87 -18.74 -7.52
C PRO D 161 -27.56 -20.04 -7.15
N LYS D 162 -27.28 -21.13 -7.87
CA LYS D 162 -27.49 -22.48 -7.34
C LYS D 162 -26.16 -23.26 -7.32
N PRO D 163 -25.38 -23.11 -6.24
CA PRO D 163 -24.13 -23.83 -6.17
C PRO D 163 -24.32 -25.30 -5.75
N GLY D 164 -23.39 -26.17 -6.21
CA GLY D 164 -23.31 -27.55 -5.73
C GLY D 164 -22.73 -27.66 -4.33
N ASP D 165 -22.58 -28.89 -3.83
CA ASP D 165 -22.14 -29.10 -2.44
C ASP D 165 -20.69 -28.67 -2.43
N GLY D 166 -20.25 -28.09 -1.33
CA GLY D 166 -18.91 -27.56 -1.21
C GLY D 166 -18.50 -26.37 -2.06
N GLU D 167 -19.46 -25.70 -2.74
CA GLU D 167 -19.21 -24.55 -3.63
C GLU D 167 -19.79 -23.33 -2.93
N PHE D 168 -18.93 -22.37 -2.59
CA PHE D 168 -19.36 -21.18 -1.87
C PHE D 168 -18.75 -19.98 -2.62
N VAL D 169 -19.59 -19.21 -3.30
CA VAL D 169 -19.14 -18.20 -4.25
C VAL D 169 -19.89 -16.88 -3.97
N GLU D 170 -19.14 -15.76 -3.84
CA GLU D 170 -19.74 -14.41 -3.69
C GLU D 170 -19.63 -13.72 -5.02
N VAL D 171 -20.72 -13.12 -5.47
CA VAL D 171 -20.73 -12.45 -6.74
C VAL D 171 -20.17 -11.05 -6.43
N ILE D 172 -19.37 -10.52 -7.36
CA ILE D 172 -18.79 -9.19 -7.25
C ILE D 172 -18.86 -8.63 -8.63
N SER D 173 -19.82 -7.76 -8.84
CA SER D 173 -20.02 -7.10 -10.12
C SER D 173 -19.26 -5.77 -10.05
N LEU D 174 -18.38 -5.51 -11.01
CA LEU D 174 -17.61 -4.26 -11.04
C LEU D 174 -17.84 -3.55 -12.33
N PRO D 175 -17.90 -2.21 -12.26
CA PRO D 175 -18.01 -1.47 -13.45
C PRO D 175 -16.84 -1.72 -14.38
N LYS D 176 -17.15 -2.04 -15.60
CA LYS D 176 -16.20 -2.22 -16.62
C LYS D 176 -15.30 -0.97 -16.89
N ASN D 177 -15.94 0.20 -16.84
CA ASN D 177 -15.26 1.47 -17.05
C ASN D 177 -14.08 1.76 -16.08
N ASP D 178 -14.06 1.13 -14.93
CA ASP D 178 -13.07 1.43 -13.96
C ASP D 178 -12.51 0.18 -13.37
N LEU D 179 -12.51 -0.91 -14.14
CA LEU D 179 -12.22 -2.20 -13.62
C LEU D 179 -10.89 -2.34 -12.95
N LEU D 180 -9.83 -1.87 -13.60
CA LEU D 180 -8.50 -2.02 -13.09
C LEU D 180 -8.36 -1.34 -11.73
N GLN D 181 -8.86 -0.09 -11.57
CA GLN D 181 -8.69 0.67 -10.29
C GLN D 181 -9.44 -0.06 -9.20
N ARG D 182 -10.63 -0.57 -9.56
CA ARG D 182 -11.43 -1.30 -8.57
C ARG D 182 -10.76 -2.53 -8.10
N LEU D 183 -10.08 -3.25 -9.00
CA LEU D 183 -9.34 -4.42 -8.58
C LEU D 183 -8.18 -4.04 -7.73
N ASP D 184 -7.45 -3.02 -8.16
CA ASP D 184 -6.27 -2.60 -7.38
C ASP D 184 -6.68 -2.22 -5.93
N ALA D 185 -7.84 -1.59 -5.79
CA ALA D 185 -8.38 -1.15 -4.49
C ALA D 185 -8.71 -2.33 -3.57
N LEU D 186 -9.37 -3.34 -4.16
CA LEU D 186 -9.65 -4.60 -3.43
C LEU D 186 -8.43 -5.25 -2.93
N VAL D 187 -7.39 -5.27 -3.73
CA VAL D 187 -6.10 -5.81 -3.35
C VAL D 187 -5.37 -5.03 -2.26
N ALA D 188 -5.49 -3.70 -2.27
CA ALA D 188 -4.78 -2.90 -1.30
C ALA D 188 -5.49 -3.02 0.08
N GLU D 189 -6.80 -3.34 0.07
CA GLU D 189 -7.63 -3.36 1.29
C GLU D 189 -7.93 -4.76 1.85
N GLU D 190 -7.98 -5.80 1.01
CA GLU D 190 -8.45 -7.11 1.46
C GLU D 190 -7.50 -8.22 1.14
N HIS D 191 -7.64 -9.28 1.94
CA HIS D 191 -6.78 -10.42 1.94
C HIS D 191 -7.36 -11.20 0.76
N LEU D 192 -6.96 -10.86 -0.47
CA LEU D 192 -7.39 -11.69 -1.60
C LEU D 192 -6.41 -11.54 -2.77
N THR D 193 -6.50 -12.45 -3.75
CA THR D 193 -5.68 -12.42 -4.94
C THR D 193 -6.59 -12.31 -6.19
N VAL D 194 -6.25 -11.43 -7.13
CA VAL D 194 -7.01 -11.34 -8.36
C VAL D 194 -6.35 -12.36 -9.30
N ASP D 195 -7.16 -12.90 -10.15
CA ASP D 195 -6.68 -13.85 -11.15
C ASP D 195 -6.03 -13.12 -12.29
N ALA D 196 -5.00 -13.73 -12.84
CA ALA D 196 -4.26 -13.16 -13.91
C ALA D 196 -5.00 -12.88 -15.16
N ARG D 197 -5.96 -13.72 -15.52
N ARG D 197 -5.95 -13.74 -15.52
CA ARG D 197 -6.79 -13.46 -16.70
CA ARG D 197 -6.81 -13.50 -16.69
C ARG D 197 -7.71 -12.27 -16.45
C ARG D 197 -7.67 -12.25 -16.43
N VAL D 198 -8.22 -12.14 -15.23
CA VAL D 198 -9.05 -10.92 -14.86
C VAL D 198 -8.20 -9.60 -14.92
N TYR D 199 -6.98 -9.65 -14.36
CA TYR D 199 -6.09 -8.54 -14.39
C TYR D 199 -5.67 -8.19 -15.86
N SER D 200 -5.40 -9.19 -16.66
CA SER D 200 -4.97 -8.97 -18.02
C SER D 200 -6.10 -8.33 -18.79
N TYR D 201 -7.34 -8.78 -18.54
CA TYR D 201 -8.56 -8.15 -19.11
C TYR D 201 -8.66 -6.68 -18.71
N ALA D 202 -8.54 -6.42 -17.43
CA ALA D 202 -8.64 -5.10 -16.89
C ALA D 202 -7.52 -4.13 -17.46
N LEU D 203 -6.30 -4.64 -17.56
CA LEU D 203 -5.21 -3.93 -18.14
C LEU D 203 -5.51 -3.47 -19.54
N ALA D 204 -5.95 -4.41 -20.38
CA ALA D 204 -6.24 -4.13 -21.77
C ALA D 204 -7.31 -3.10 -21.96
N LEU D 205 -8.30 -3.03 -21.06
CA LEU D 205 -9.36 -1.98 -21.16
C LEU D 205 -8.73 -0.59 -21.03
N LYS D 206 -7.64 -0.46 -20.26
CA LYS D 206 -6.89 0.78 -20.16
C LYS D 206 -5.99 0.98 -21.33
N HIS D 207 -5.30 -0.08 -21.77
CA HIS D 207 -4.34 0.05 -22.87
C HIS D 207 -4.92 0.27 -24.23
N ALA D 208 -6.16 -0.19 -24.45
CA ALA D 208 -6.79 -0.10 -25.78
C ALA D 208 -6.89 1.29 -26.38
N ASN D 209 -7.04 1.34 -27.69
CA ASN D 209 -7.49 2.54 -28.40
C ASN D 209 -6.51 3.70 -28.29
MG MG E . -10.71 17.21 17.44
MG MG F . -13.82 16.83 18.31
CL CL G . 16.24 4.59 7.34
C1 EDO H . 26.94 1.63 6.99
O1 EDO H . 26.84 3.05 7.22
C2 EDO H . 28.14 1.13 7.77
O2 EDO H . 27.98 1.66 9.11
MG MG I . 17.15 22.96 18.07
MG MG J . 19.81 26.42 16.11
N1 K0S K . -11.45 29.59 19.08
N3 K0S K . -16.18 26.35 18.73
C4 K0S K . -11.99 28.44 19.50
C5 K0S K . -14.09 27.09 19.87
C6 K0S K . -15.58 27.21 19.63
C7 K0S K . -16.25 28.29 20.28
C8 K0S K . -17.60 28.52 19.94
C10 K0S K . -17.50 26.60 18.44
N K0S K . -10.14 29.59 19.18
C K0S K . -6.07 27.26 20.51
O K0S K . -13.61 26.11 20.40
C1 K0S K . -7.54 27.05 20.14
C2 K0S K . -8.11 28.43 19.79
C3 K0S K . -9.57 28.52 19.66
C9 K0S K . -18.24 27.67 19.01
N2 K0S K . -13.37 28.22 19.45
S K0S K . -10.74 27.28 20.08
C1 EDO L . 9.24 24.19 15.05
O1 EDO L . 8.68 23.03 15.71
C2 EDO L . 8.16 25.22 14.68
O2 EDO L . 7.39 25.71 15.80
C1 EDO M . 15.23 3.83 -25.80
O1 EDO M . 15.14 2.41 -26.05
C2 EDO M . 14.64 4.21 -24.43
O2 EDO M . 15.53 3.82 -23.37
MG MG N . 12.04 -17.64 -19.43
MG MG O . 10.25 -17.74 -20.50
N1 K0S P . 12.05 -29.23 -16.01
N3 K0S P . 15.92 -26.06 -19.41
C4 K0S P . 12.73 -28.11 -16.41
C5 K0S P . 14.58 -26.74 -17.46
C6 K0S P . 15.88 -26.79 -18.23
C7 K0S P . 16.97 -27.51 -17.71
C8 K0S P . 18.18 -27.45 -18.43
C10 K0S P . 17.09 -26.02 -20.08
N K0S P . 10.84 -28.95 -15.40
C K0S P . 7.26 -26.79 -13.88
O K0S P . 14.14 -25.62 -17.16
C1 K0S P . 8.23 -27.65 -14.66
C2 K0S P . 9.50 -26.90 -14.70
C3 K0S P . 10.60 -27.64 -15.31
C9 K0S P . 18.25 -26.70 -19.62
N2 K0S P . 13.95 -27.99 -17.10
S K0S P . 11.81 -26.65 -15.99
N1 K0S Q . 9.24 -11.34 -36.02
N3 K0S Q . 7.12 -13.70 -37.57
C4 K0S Q . 8.27 -10.44 -35.77
C5 K0S Q . 6.31 -11.34 -37.14
C6 K0S Q . 7.16 -12.36 -37.91
C7 K0S Q . 7.98 -11.84 -38.96
C8 K0S Q . 8.79 -12.75 -39.67
C10 K0S Q . 7.92 -14.54 -38.30
N K0S Q . 10.39 -11.08 -35.38
C K0S Q . 13.53 -8.21 -34.28
O K0S Q . 5.09 -11.33 -37.22
C1 K0S Q . 12.42 -8.89 -34.98
C2 K0S Q . 11.50 -9.48 -33.92
C3 K0S Q . 10.36 -10.00 -34.63
C9 K0S Q . 8.77 -14.11 -39.35
N2 K0S Q . 6.95 -10.43 -36.24
S K0S Q . 8.85 -9.16 -34.63
MG MG R . -16.14 -22.62 -10.55
MG MG S . -17.19 -24.51 -10.81
C1 EDO T . -9.36 -24.73 -15.19
O1 EDO T . -8.67 -23.49 -15.00
C2 EDO T . -8.38 -25.74 -15.77
O2 EDO T . -7.22 -25.87 -14.93
C1 EDO U . 4.22 -19.50 -12.80
O1 EDO U . 3.61 -20.72 -13.23
C2 EDO U . 4.87 -18.86 -14.00
O2 EDO U . 3.94 -18.92 -15.09
#